data_6VBS
#
_entry.id   6VBS
#
_cell.length_a   152.838
_cell.length_b   69.474
_cell.length_c   95.288
_cell.angle_alpha   90.000
_cell.angle_beta   116.888
_cell.angle_gamma   90.000
#
_symmetry.space_group_name_H-M   'C 1 2 1'
#
loop_
_entity.id
_entity.type
_entity.pdbx_description
1 polymer 'Superoxide dismutase [Cu-Zn]'
2 non-polymer 'COPPER (II) ION'
3 non-polymer 'ZINC ION'
4 non-polymer 'SULFATE ION'
5 water water
#
_entity_poly.entity_id   1
_entity_poly.type   'polypeptide(L)'
_entity_poly.pdbx_seq_one_letter_code
;ENTLTVKMNDALSSGTGENIGEITVSETPYGLLFTPHLNGLTPGIHGFHVHTNPSCMPGMKDGKEVPALMAGGHLDPEKT
GKHLGPYNDKGHLGDLPGLVVNADGTATYPLLAPRLKSLSELKGHSLMIHKGGDNYSDKPAPLGGGGARFACGVIEKLEH
HHHHH
;
_entity_poly.pdbx_strand_id   A,B,C,D,E,F
#
loop_
_chem_comp.id
_chem_comp.type
_chem_comp.name
_chem_comp.formula
CU non-polymer 'COPPER (II) ION' 'Cu 2'
SO4 non-polymer 'SULFATE ION' 'O4 S -2'
ZN non-polymer 'ZINC ION' 'Zn 2'
#
# COMPACT_ATOMS: atom_id res chain seq x y z
N GLU A 1 -18.77 -25.83 -10.11
CA GLU A 1 -18.58 -26.10 -8.66
C GLU A 1 -17.19 -25.66 -8.20
N ASN A 2 -16.16 -26.28 -8.77
CA ASN A 2 -14.79 -26.05 -8.35
C ASN A 2 -14.63 -26.43 -6.87
N THR A 3 -14.60 -27.74 -6.66
CA THR A 3 -14.39 -28.32 -5.35
C THR A 3 -13.36 -29.44 -5.47
N LEU A 4 -12.74 -29.74 -4.33
CA LEU A 4 -11.92 -30.93 -4.16
C LEU A 4 -12.65 -31.85 -3.19
N THR A 5 -12.55 -33.15 -3.42
CA THR A 5 -13.05 -34.16 -2.50
C THR A 5 -11.85 -35.01 -2.08
N VAL A 6 -11.61 -35.08 -0.77
CA VAL A 6 -10.47 -35.79 -0.21
C VAL A 6 -10.99 -36.98 0.59
N LYS A 7 -10.67 -38.19 0.14
CA LYS A 7 -11.01 -39.38 0.91
C LYS A 7 -10.06 -39.50 2.11
N MET A 8 -10.62 -39.79 3.28
CA MET A 8 -9.86 -39.89 4.51
C MET A 8 -9.92 -41.33 5.02
N ASN A 9 -8.76 -41.85 5.43
CA ASN A 9 -8.60 -43.20 5.90
C ASN A 9 -7.86 -43.22 7.22
N ASP A 10 -8.30 -44.08 8.13
CA ASP A 10 -7.55 -44.30 9.36
C ASP A 10 -6.11 -44.66 9.03
N ALA A 11 -5.20 -44.25 9.91
CA ALA A 11 -3.77 -44.46 9.74
C ALA A 11 -3.29 -45.46 10.78
N LEU A 12 -2.69 -46.56 10.31
CA LEU A 12 -2.16 -47.60 11.18
C LEU A 12 -0.64 -47.72 11.08
N SER A 13 -0.06 -48.48 12.00
N SER A 13 -0.07 -48.48 12.02
CA SER A 13 1.39 -48.67 11.97
CA SER A 13 1.37 -48.71 11.99
C SER A 13 1.83 -49.47 10.76
C SER A 13 1.79 -49.42 10.72
N SER A 14 0.98 -50.38 10.25
CA SER A 14 1.34 -51.21 9.12
C SER A 14 1.00 -50.60 7.77
N GLY A 15 0.05 -49.67 7.73
CA GLY A 15 -0.41 -49.08 6.50
C GLY A 15 -1.73 -48.36 6.73
N THR A 16 -2.53 -48.34 5.68
CA THR A 16 -3.78 -47.62 5.67
C THR A 16 -4.89 -48.50 6.23
N GLY A 17 -5.73 -47.90 7.05
CA GLY A 17 -6.87 -48.61 7.59
C GLY A 17 -8.21 -48.23 6.98
N GLU A 18 -9.25 -48.27 7.80
CA GLU A 18 -10.61 -48.12 7.31
C GLU A 18 -10.86 -46.72 6.73
N ASN A 19 -11.64 -46.68 5.65
CA ASN A 19 -12.15 -45.39 5.16
C ASN A 19 -13.18 -44.82 6.13
N ILE A 20 -13.08 -43.52 6.41
CA ILE A 20 -13.95 -42.86 7.36
C ILE A 20 -14.77 -41.75 6.70
N GLY A 21 -14.74 -41.67 5.37
CA GLY A 21 -15.53 -40.70 4.65
C GLY A 21 -14.65 -39.78 3.80
N GLU A 22 -15.17 -38.57 3.57
CA GLU A 22 -14.52 -37.61 2.69
C GLU A 22 -14.68 -36.21 3.30
N ILE A 23 -13.78 -35.32 2.87
CA ILE A 23 -13.88 -33.90 3.15
C ILE A 23 -13.97 -33.17 1.81
N THR A 24 -14.96 -32.31 1.67
CA THR A 24 -15.12 -31.50 0.49
C THR A 24 -14.57 -30.11 0.74
N VAL A 25 -13.66 -29.65 -0.11
CA VAL A 25 -13.04 -28.34 0.04
C VAL A 25 -13.56 -27.45 -1.08
N SER A 26 -14.01 -26.24 -0.70
CA SER A 26 -14.59 -25.26 -1.61
C SER A 26 -13.95 -23.91 -1.37
N GLU A 27 -13.99 -23.07 -2.40
CA GLU A 27 -13.44 -21.73 -2.33
C GLU A 27 -14.56 -20.73 -2.01
N THR A 28 -14.28 -19.82 -1.08
CA THR A 28 -15.18 -18.71 -0.74
C THR A 28 -14.43 -17.39 -0.78
N PRO A 29 -15.15 -16.26 -0.74
CA PRO A 29 -14.47 -14.96 -0.65
C PRO A 29 -13.63 -14.79 0.61
N TYR A 30 -13.85 -15.65 1.61
CA TYR A 30 -13.23 -15.55 2.91
C TYR A 30 -12.18 -16.63 3.15
N GLY A 31 -11.95 -17.51 2.18
CA GLY A 31 -10.94 -18.54 2.27
C GLY A 31 -11.54 -19.88 1.96
N LEU A 32 -10.74 -20.93 2.17
CA LEU A 32 -11.17 -22.27 1.85
C LEU A 32 -12.07 -22.82 2.94
N LEU A 33 -13.15 -23.47 2.52
CA LEU A 33 -14.13 -24.07 3.41
C LEU A 33 -13.99 -25.58 3.31
N PHE A 34 -13.72 -26.22 4.45
CA PHE A 34 -13.57 -27.67 4.54
C PHE A 34 -14.84 -28.22 5.16
N THR A 35 -15.65 -28.90 4.36
CA THR A 35 -16.89 -29.48 4.83
C THR A 35 -16.72 -30.98 4.97
N PRO A 36 -16.62 -31.49 6.19
CA PRO A 36 -16.41 -32.93 6.38
C PRO A 36 -17.71 -33.71 6.24
N HIS A 37 -17.55 -34.96 5.81
CA HIS A 37 -18.61 -35.96 5.87
C HIS A 37 -17.96 -37.26 6.36
N LEU A 38 -17.67 -37.30 7.65
CA LEU A 38 -16.82 -38.32 8.25
C LEU A 38 -17.59 -39.05 9.34
N ASN A 39 -17.16 -40.29 9.62
CA ASN A 39 -17.63 -41.03 10.77
C ASN A 39 -16.45 -41.81 11.34
N GLY A 40 -16.65 -42.40 12.50
CA GLY A 40 -15.60 -43.22 13.08
C GLY A 40 -14.52 -42.46 13.82
N LEU A 41 -14.84 -41.28 14.35
CA LEU A 41 -13.91 -40.50 15.15
C LEU A 41 -14.43 -40.33 16.58
N THR A 42 -13.50 -40.11 17.49
CA THR A 42 -13.92 -39.86 18.87
C THR A 42 -14.56 -38.47 18.96
N PRO A 43 -15.67 -38.33 19.66
CA PRO A 43 -16.28 -37.01 19.79
C PRO A 43 -15.29 -36.00 20.38
N GLY A 44 -15.39 -34.77 19.91
CA GLY A 44 -14.62 -33.67 20.42
C GLY A 44 -13.89 -32.94 19.31
N ILE A 45 -12.89 -32.16 19.68
CA ILE A 45 -12.11 -31.40 18.72
C ILE A 45 -10.82 -32.14 18.42
N HIS A 46 -10.50 -32.26 17.14
CA HIS A 46 -9.31 -32.95 16.68
C HIS A 46 -8.45 -31.97 15.89
N GLY A 47 -7.16 -31.98 16.20
CA GLY A 47 -6.19 -31.29 15.37
C GLY A 47 -6.33 -31.66 13.91
N PHE A 48 -6.29 -30.65 13.05
CA PHE A 48 -6.60 -30.81 11.63
C PHE A 48 -5.66 -29.89 10.88
N HIS A 49 -4.73 -30.47 10.11
CA HIS A 49 -3.70 -29.71 9.43
C HIS A 49 -3.40 -30.26 8.04
N VAL A 50 -2.94 -29.35 7.17
CA VAL A 50 -2.29 -29.73 5.92
C VAL A 50 -0.83 -30.06 6.22
N HIS A 51 -0.41 -31.24 5.83
CA HIS A 51 0.98 -31.65 5.95
C HIS A 51 1.66 -31.59 4.59
N THR A 52 2.99 -31.51 4.63
CA THR A 52 3.76 -31.16 3.45
C THR A 52 3.66 -32.20 2.35
N ASN A 53 3.80 -33.50 2.70
CA ASN A 53 4.01 -34.48 1.63
C ASN A 53 2.72 -35.17 1.22
N PRO A 54 2.63 -35.50 -0.06
CA PRO A 54 1.46 -36.22 -0.60
C PRO A 54 1.53 -37.73 -0.35
N SER A 55 1.59 -38.09 0.94
CA SER A 55 1.63 -39.46 1.38
C SER A 55 0.98 -39.56 2.75
N CYS A 56 0.26 -40.67 2.96
CA CYS A 56 -0.26 -41.06 4.26
C CYS A 56 0.40 -42.32 4.81
N MET A 57 1.44 -42.80 4.13
CA MET A 57 2.10 -44.07 4.52
C MET A 57 2.73 -43.95 5.89
N PRO A 58 2.77 -45.03 6.70
CA PRO A 58 3.44 -45.01 7.99
C PRO A 58 4.93 -45.12 7.72
N GLY A 59 5.84 -44.74 8.67
CA GLY A 59 7.28 -44.88 8.57
C GLY A 59 7.91 -45.06 9.94
N MET A 60 9.19 -45.39 9.91
CA MET A 60 9.96 -45.63 11.13
C MET A 60 10.59 -44.33 11.64
N LYS A 61 10.51 -44.13 12.96
CA LYS A 61 11.17 -43.05 13.67
C LYS A 61 11.72 -43.63 14.96
N ASP A 62 13.04 -43.56 15.13
CA ASP A 62 13.69 -44.02 16.35
C ASP A 62 13.28 -45.45 16.70
N GLY A 63 13.16 -46.30 15.68
CA GLY A 63 12.91 -47.72 15.88
C GLY A 63 11.46 -48.14 16.04
N LYS A 64 10.50 -47.23 15.86
CA LYS A 64 9.09 -47.51 16.08
C LYS A 64 8.31 -47.10 14.84
N GLU A 65 7.31 -47.90 14.49
CA GLU A 65 6.43 -47.55 13.39
C GLU A 65 5.51 -46.40 13.83
N VAL A 66 5.41 -45.39 12.99
CA VAL A 66 4.60 -44.21 13.26
C VAL A 66 3.57 -44.06 12.15
N PRO A 67 2.28 -44.17 12.48
CA PRO A 67 1.21 -43.95 11.48
C PRO A 67 1.36 -42.63 10.76
N ALA A 68 1.22 -42.67 9.43
CA ALA A 68 1.20 -41.49 8.56
C ALA A 68 2.44 -40.61 8.71
N LEU A 69 3.56 -41.16 9.16
CA LEU A 69 4.79 -40.38 9.28
C LEU A 69 5.23 -39.77 7.94
N MET A 70 4.97 -40.46 6.83
CA MET A 70 5.53 -40.03 5.56
C MET A 70 4.85 -38.78 5.00
N ALA A 71 3.77 -38.32 5.62
CA ALA A 71 3.20 -37.01 5.27
C ALA A 71 4.09 -35.85 5.67
N GLY A 72 5.11 -36.10 6.48
CA GLY A 72 5.94 -35.04 7.00
C GLY A 72 5.20 -34.14 7.99
N GLY A 73 5.75 -32.94 8.15
CA GLY A 73 5.25 -32.00 9.14
C GLY A 73 4.18 -31.08 8.60
N HIS A 74 3.78 -30.13 9.46
CA HIS A 74 2.79 -29.16 9.05
C HIS A 74 3.32 -28.33 7.89
N LEU A 75 2.48 -28.12 6.88
CA LEU A 75 2.88 -27.30 5.73
C LEU A 75 3.36 -25.93 6.20
N ASP A 76 4.60 -25.57 5.82
CA ASP A 76 5.28 -24.39 6.38
C ASP A 76 6.25 -23.80 5.37
N PRO A 77 5.74 -23.34 4.21
CA PRO A 77 6.65 -22.81 3.16
C PRO A 77 7.39 -21.56 3.57
N GLU A 78 6.88 -20.80 4.53
CA GLU A 78 7.52 -19.59 5.03
C GLU A 78 8.55 -19.88 6.11
N LYS A 79 8.73 -21.16 6.46
CA LYS A 79 9.68 -21.61 7.49
C LYS A 79 9.52 -20.83 8.79
N THR A 80 8.27 -20.68 9.23
CA THR A 80 8.01 -20.06 10.52
C THR A 80 8.51 -20.92 11.68
N GLY A 81 8.44 -22.24 11.54
CA GLY A 81 8.76 -23.13 12.64
C GLY A 81 7.84 -23.02 13.83
N LYS A 82 6.66 -22.45 13.67
CA LYS A 82 5.75 -22.20 14.78
C LYS A 82 4.33 -22.65 14.45
N HIS A 83 3.68 -23.31 15.41
CA HIS A 83 2.29 -23.73 15.27
C HIS A 83 1.41 -22.69 15.98
N LEU A 84 0.67 -21.89 15.20
CA LEU A 84 -0.14 -20.81 15.76
C LEU A 84 -1.57 -20.76 15.24
N GLY A 85 -2.04 -21.79 14.54
CA GLY A 85 -3.43 -21.89 14.17
C GLY A 85 -3.81 -21.19 12.88
N PRO A 86 -5.09 -21.27 12.55
CA PRO A 86 -5.59 -20.81 11.25
C PRO A 86 -5.81 -19.31 11.16
N TYR A 87 -5.63 -18.56 12.24
CA TYR A 87 -5.92 -17.12 12.26
C TYR A 87 -4.68 -16.31 12.57
N ASN A 88 -3.50 -16.90 12.45
CA ASN A 88 -2.26 -16.23 12.82
C ASN A 88 -1.22 -16.48 11.73
N ASP A 89 -0.90 -15.44 10.98
CA ASP A 89 0.05 -15.56 9.87
C ASP A 89 1.49 -15.73 10.31
N LYS A 90 1.78 -15.79 11.61
CA LYS A 90 3.14 -16.02 12.06
C LYS A 90 3.50 -17.50 12.20
N GLY A 91 2.56 -18.41 11.95
CA GLY A 91 2.83 -19.84 12.04
C GLY A 91 2.55 -20.62 10.76
N HIS A 92 2.57 -21.96 10.88
CA HIS A 92 2.42 -22.84 9.73
C HIS A 92 1.22 -22.46 8.87
N LEU A 93 1.45 -22.31 7.57
CA LEU A 93 0.35 -22.09 6.64
C LEU A 93 -0.66 -23.24 6.67
N GLY A 94 -0.21 -24.47 6.95
CA GLY A 94 -1.09 -25.62 6.96
C GLY A 94 -2.00 -25.77 8.15
N ASP A 95 -1.96 -24.84 9.10
CA ASP A 95 -2.78 -24.96 10.31
C ASP A 95 -4.22 -24.59 10.00
N LEU A 96 -5.11 -25.56 10.13
CA LEU A 96 -6.53 -25.39 9.90
C LEU A 96 -7.27 -25.34 11.22
N PRO A 97 -8.52 -24.88 11.21
CA PRO A 97 -9.32 -24.95 12.44
C PRO A 97 -9.47 -26.39 12.89
N GLY A 98 -9.67 -26.55 14.19
CA GLY A 98 -9.92 -27.88 14.72
C GLY A 98 -11.13 -28.53 14.07
N LEU A 99 -11.02 -29.84 13.83
CA LEU A 99 -12.11 -30.62 13.27
C LEU A 99 -13.10 -30.95 14.36
N VAL A 100 -14.37 -30.63 14.14
CA VAL A 100 -15.40 -30.79 15.15
C VAL A 100 -16.12 -32.11 14.90
N VAL A 101 -16.02 -33.03 15.87
CA VAL A 101 -16.67 -34.33 15.83
C VAL A 101 -17.83 -34.31 16.82
N ASN A 102 -19.02 -34.66 16.32
CA ASN A 102 -20.26 -34.71 17.06
C ASN A 102 -20.29 -35.91 18.01
N ALA A 103 -21.25 -35.88 18.92
CA ALA A 103 -21.38 -36.95 19.89
C ALA A 103 -21.52 -38.33 19.26
N ASP A 104 -22.07 -38.42 18.06
CA ASP A 104 -22.28 -39.71 17.42
C ASP A 104 -21.08 -40.16 16.60
N GLY A 105 -19.95 -39.51 16.76
CA GLY A 105 -18.75 -39.88 16.06
C GLY A 105 -18.66 -39.39 14.64
N THR A 106 -19.61 -38.61 14.18
CA THR A 106 -19.55 -38.05 12.83
C THR A 106 -18.99 -36.63 12.89
N ALA A 107 -18.45 -36.20 11.77
CA ALA A 107 -17.95 -34.84 11.57
C ALA A 107 -18.69 -34.24 10.40
N THR A 108 -19.40 -33.12 10.64
CA THR A 108 -20.21 -32.45 9.64
C THR A 108 -20.03 -30.92 9.63
N TYR A 109 -19.54 -30.32 10.70
CA TYR A 109 -19.47 -28.88 10.85
C TYR A 109 -18.42 -28.30 9.92
N PRO A 110 -18.78 -27.34 9.06
CA PRO A 110 -17.79 -26.81 8.11
C PRO A 110 -16.80 -25.85 8.76
N LEU A 111 -15.57 -25.89 8.23
CA LEU A 111 -14.42 -25.25 8.80
C LEU A 111 -13.81 -24.28 7.79
N LEU A 112 -13.77 -23.00 8.15
CA LEU A 112 -13.17 -21.98 7.30
C LEU A 112 -11.71 -21.72 7.67
N ALA A 113 -10.84 -21.83 6.68
CA ALA A 113 -9.41 -21.55 6.82
C ALA A 113 -9.11 -20.27 6.03
N PRO A 114 -9.10 -19.10 6.67
CA PRO A 114 -9.04 -17.84 5.93
C PRO A 114 -7.68 -17.49 5.37
N ARG A 115 -6.63 -18.21 5.73
CA ARG A 115 -5.29 -17.92 5.21
C ARG A 115 -5.03 -18.64 3.90
N LEU A 116 -5.89 -19.56 3.52
CA LEU A 116 -5.80 -20.30 2.27
C LEU A 116 -6.84 -19.74 1.31
N LYS A 117 -6.42 -19.52 0.06
CA LYS A 117 -7.20 -18.81 -0.95
C LYS A 117 -7.69 -19.70 -2.09
N SER A 118 -6.95 -20.72 -2.45
CA SER A 118 -7.18 -21.44 -3.69
C SER A 118 -6.99 -22.93 -3.47
N LEU A 119 -7.84 -23.72 -4.11
CA LEU A 119 -7.67 -25.15 -4.04
C LEU A 119 -6.30 -25.57 -4.58
N SER A 120 -5.73 -24.80 -5.51
CA SER A 120 -4.41 -25.15 -6.04
C SER A 120 -3.36 -25.25 -4.93
N GLU A 121 -3.54 -24.50 -3.84
CA GLU A 121 -2.55 -24.50 -2.76
C GLU A 121 -2.53 -25.80 -1.97
N LEU A 122 -3.56 -26.62 -2.09
CA LEU A 122 -3.59 -27.89 -1.39
C LEU A 122 -3.05 -29.05 -2.21
N LYS A 123 -2.99 -28.90 -3.52
CA LYS A 123 -2.56 -30.02 -4.35
C LYS A 123 -1.10 -30.39 -4.06
N GLY A 124 -0.87 -31.70 -3.97
CA GLY A 124 0.43 -32.22 -3.69
C GLY A 124 0.77 -32.28 -2.22
N HIS A 125 -0.21 -32.15 -1.35
CA HIS A 125 -0.06 -32.17 0.09
C HIS A 125 -1.01 -33.24 0.64
N SER A 126 -1.10 -33.30 1.97
CA SER A 126 -1.99 -34.23 2.65
C SER A 126 -2.79 -33.52 3.74
N LEU A 127 -3.96 -34.07 4.04
CA LEU A 127 -4.80 -33.62 5.14
C LEU A 127 -4.71 -34.64 6.27
N MET A 128 -4.56 -34.14 7.50
CA MET A 128 -4.32 -34.97 8.66
C MET A 128 -5.29 -34.63 9.79
N ILE A 129 -5.84 -35.66 10.40
CA ILE A 129 -6.68 -35.58 11.60
C ILE A 129 -5.92 -36.29 12.71
N HIS A 130 -5.69 -35.59 13.80
CA HIS A 130 -4.95 -36.10 14.93
C HIS A 130 -5.88 -36.65 16.00
N LYS A 131 -5.30 -37.44 16.90
CA LYS A 131 -6.04 -38.00 18.02
C LYS A 131 -6.49 -36.91 18.98
N GLY A 132 -5.58 -36.01 19.31
CA GLY A 132 -5.86 -34.93 20.25
C GLY A 132 -6.39 -33.69 19.56
N GLY A 133 -6.50 -32.63 20.35
CA GLY A 133 -7.09 -31.37 19.90
C GLY A 133 -6.06 -30.42 19.33
N ASP A 134 -6.41 -29.12 19.37
CA ASP A 134 -5.54 -28.08 18.85
C ASP A 134 -5.89 -26.75 19.53
N ASN A 135 -4.99 -26.29 20.41
CA ASN A 135 -5.11 -25.01 21.07
C ASN A 135 -4.37 -23.91 20.32
N TYR A 136 -3.97 -24.20 19.08
CA TYR A 136 -3.35 -23.20 18.19
C TYR A 136 -2.07 -22.63 18.77
N SER A 137 -1.32 -23.45 19.52
CA SER A 137 -0.10 -23.00 20.15
C SER A 137 0.87 -24.17 20.25
N ASP A 138 2.14 -23.84 20.44
CA ASP A 138 3.16 -24.82 20.77
C ASP A 138 3.30 -25.03 22.28
N LYS A 139 2.46 -24.38 23.09
CA LYS A 139 2.47 -24.56 24.53
C LYS A 139 1.06 -24.79 25.08
N PRO A 140 0.91 -25.64 26.09
CA PRO A 140 2.03 -26.36 26.74
C PRO A 140 2.58 -27.55 25.93
N ALA A 141 1.78 -28.08 25.01
CA ALA A 141 2.21 -29.21 24.20
C ALA A 141 2.53 -28.77 22.78
N PRO A 142 3.53 -29.36 22.14
CA PRO A 142 3.87 -28.94 20.78
C PRO A 142 2.74 -29.25 19.81
N LEU A 143 2.72 -28.47 18.73
CA LEU A 143 1.79 -28.69 17.61
C LEU A 143 0.35 -28.75 18.10
N GLY A 144 0.04 -27.92 19.09
CA GLY A 144 -1.33 -27.73 19.55
C GLY A 144 -1.87 -28.85 20.42
N GLY A 145 -1.05 -29.84 20.78
CA GLY A 145 -1.54 -30.99 21.51
C GLY A 145 -2.18 -32.05 20.64
N GLY A 146 -1.96 -32.02 19.34
CA GLY A 146 -2.62 -32.96 18.46
C GLY A 146 -2.16 -34.38 18.66
N GLY A 147 -0.89 -34.55 19.02
CA GLY A 147 -0.40 -35.90 19.25
C GLY A 147 -0.41 -36.74 17.98
N ALA A 148 -0.82 -38.00 18.15
CA ALA A 148 -0.67 -39.00 17.10
C ALA A 148 -1.60 -38.74 15.91
N ARG A 149 -1.17 -39.22 14.75
CA ARG A 149 -1.95 -39.10 13.52
C ARG A 149 -2.97 -40.22 13.45
N PHE A 150 -4.24 -39.86 13.42
CA PHE A 150 -5.34 -40.82 13.47
C PHE A 150 -5.86 -41.18 12.09
N ALA A 151 -6.07 -40.17 11.24
CA ALA A 151 -6.54 -40.40 9.89
C ALA A 151 -5.90 -39.38 8.95
N CYS A 152 -5.81 -39.74 7.71
CA CYS A 152 -5.10 -38.91 6.75
C CYS A 152 -5.76 -39.14 5.42
N GLY A 153 -5.54 -38.22 4.44
CA GLY A 153 -5.87 -38.31 3.03
C GLY A 153 -4.95 -37.48 2.16
N VAL A 154 -4.54 -38.03 1.03
CA VAL A 154 -3.68 -37.34 0.08
C VAL A 154 -4.53 -36.50 -0.85
N ILE A 155 -4.09 -35.28 -1.10
CA ILE A 155 -4.68 -34.38 -2.10
C ILE A 155 -3.85 -34.55 -3.36
N GLU A 156 -4.43 -35.17 -4.39
CA GLU A 156 -3.77 -35.41 -5.68
C GLU A 156 -2.63 -36.42 -5.54
N GLU B 1 -5.84 24.94 24.16
CA GLU B 1 -7.14 24.77 23.48
C GLU B 1 -7.43 23.30 23.16
N ASN B 2 -8.58 23.04 22.57
CA ASN B 2 -9.00 21.70 22.20
C ASN B 2 -8.15 21.20 21.04
N THR B 3 -7.34 20.18 21.27
CA THR B 3 -6.63 19.53 20.18
C THR B 3 -6.72 18.02 20.34
N LEU B 4 -6.46 17.32 19.23
CA LEU B 4 -6.19 15.90 19.20
C LEU B 4 -4.83 15.69 18.59
N THR B 5 -4.08 14.71 19.11
CA THR B 5 -2.82 14.29 18.52
C THR B 5 -2.96 12.84 18.12
N VAL B 6 -2.76 12.56 16.83
CA VAL B 6 -2.93 11.24 16.26
C VAL B 6 -1.56 10.73 15.84
N LYS B 7 -1.08 9.69 16.52
CA LYS B 7 0.13 9.03 16.10
C LYS B 7 -0.11 8.24 14.83
N MET B 8 0.81 8.36 13.86
CA MET B 8 0.67 7.71 12.57
C MET B 8 1.76 6.67 12.42
N ASN B 9 1.40 5.49 11.93
CA ASN B 9 2.33 4.39 11.78
C ASN B 9 2.26 3.79 10.39
N ASP B 10 3.41 3.31 9.93
CA ASP B 10 3.51 2.59 8.67
C ASP B 10 2.52 1.43 8.67
N ALA B 11 1.89 1.18 7.53
CA ALA B 11 0.98 0.05 7.38
C ALA B 11 1.64 -1.01 6.51
N LEU B 12 1.75 -2.23 7.04
CA LEU B 12 2.35 -3.35 6.34
C LEU B 12 1.29 -4.41 6.02
N SER B 13 1.66 -5.32 5.11
CA SER B 13 0.74 -6.39 4.75
C SER B 13 0.47 -7.33 5.92
N SER B 14 1.39 -7.40 6.88
CA SER B 14 1.29 -8.35 7.99
C SER B 14 1.18 -7.70 9.36
N GLY B 15 0.88 -6.41 9.42
CA GLY B 15 0.74 -5.75 10.71
C GLY B 15 1.12 -4.29 10.60
N THR B 16 1.48 -3.73 11.75
CA THR B 16 1.80 -2.32 11.88
C THR B 16 3.30 -2.14 11.98
N GLY B 17 3.79 -1.15 11.26
CA GLY B 17 5.20 -0.84 11.23
C GLY B 17 5.53 0.30 12.17
N GLU B 18 6.62 0.99 11.86
CA GLU B 18 7.14 1.97 12.78
C GLU B 18 6.36 3.28 12.69
N ASN B 19 6.41 4.01 13.78
CA ASN B 19 5.84 5.34 13.87
C ASN B 19 6.57 6.30 12.93
N ILE B 20 5.79 7.12 12.24
CA ILE B 20 6.33 8.11 11.32
C ILE B 20 6.02 9.53 11.75
N GLY B 21 5.59 9.71 13.00
CA GLY B 21 5.20 11.01 13.48
C GLY B 21 3.78 11.07 14.00
N GLU B 22 3.22 12.28 14.00
CA GLU B 22 1.90 12.54 14.52
C GLU B 22 1.27 13.66 13.70
N ILE B 23 -0.05 13.72 13.78
CA ILE B 23 -0.86 14.79 13.21
C ILE B 23 -1.63 15.45 14.34
N THR B 24 -1.50 16.77 14.47
CA THR B 24 -2.24 17.52 15.48
C THR B 24 -3.48 18.14 14.85
N VAL B 25 -4.64 17.86 15.42
CA VAL B 25 -5.90 18.39 14.91
C VAL B 25 -6.42 19.46 15.87
N SER B 26 -6.73 20.62 15.34
CA SER B 26 -7.23 21.74 16.14
C SER B 26 -8.51 22.27 15.53
N GLU B 27 -9.33 22.89 16.37
CA GLU B 27 -10.55 23.54 15.92
C GLU B 27 -10.27 25.00 15.59
N THR B 28 -10.70 25.45 14.41
CA THR B 28 -10.66 26.86 14.02
C THR B 28 -12.08 27.34 13.73
N PRO B 29 -12.27 28.66 13.57
CA PRO B 29 -13.57 29.17 13.12
C PRO B 29 -13.98 28.72 11.74
N TYR B 30 -13.05 28.15 10.97
CA TYR B 30 -13.26 27.76 9.59
C TYR B 30 -13.32 26.25 9.41
N GLY B 31 -13.15 25.49 10.48
CA GLY B 31 -13.21 24.05 10.46
C GLY B 31 -11.98 23.45 11.08
N LEU B 32 -11.83 22.14 10.93
CA LEU B 32 -10.75 21.44 11.58
C LEU B 32 -9.44 21.63 10.81
N LEU B 33 -8.38 21.90 11.53
CA LEU B 33 -7.06 22.05 10.94
C LEU B 33 -6.21 20.85 11.32
N PHE B 34 -5.68 20.16 10.32
CA PHE B 34 -4.84 18.99 10.49
C PHE B 34 -3.40 19.44 10.25
N THR B 35 -2.59 19.50 11.30
CA THR B 35 -1.23 19.97 11.14
C THR B 35 -0.29 18.77 11.27
N PRO B 36 0.33 18.32 10.19
CA PRO B 36 1.18 17.14 10.25
C PRO B 36 2.57 17.44 10.81
N HIS B 37 3.12 16.44 11.45
CA HIS B 37 4.48 16.41 11.90
C HIS B 37 5.02 15.01 11.57
N LEU B 38 5.19 14.74 10.28
CA LEU B 38 5.49 13.40 9.79
C LEU B 38 6.83 13.35 9.07
N ASN B 39 7.37 12.14 8.96
CA ASN B 39 8.63 11.92 8.27
C ASN B 39 8.58 10.62 7.49
N GLY B 40 9.53 10.51 6.55
CA GLY B 40 9.71 9.27 5.82
C GLY B 40 8.66 8.97 4.78
N LEU B 41 8.12 9.99 4.13
CA LEU B 41 7.15 9.85 3.06
C LEU B 41 7.76 10.35 1.76
N THR B 42 7.20 9.89 0.62
CA THR B 42 7.71 10.38 -0.65
C THR B 42 7.17 11.79 -0.94
N PRO B 43 8.00 12.67 -1.52
CA PRO B 43 7.55 14.04 -1.78
C PRO B 43 6.33 14.05 -2.69
N GLY B 44 5.49 15.05 -2.46
CA GLY B 44 4.33 15.30 -3.31
C GLY B 44 3.04 15.19 -2.52
N ILE B 45 1.94 15.00 -3.23
CA ILE B 45 0.61 15.05 -2.60
C ILE B 45 0.12 13.62 -2.41
N HIS B 46 -0.30 13.31 -1.18
CA HIS B 46 -0.84 12.01 -0.83
C HIS B 46 -2.30 12.13 -0.41
N GLY B 47 -3.12 11.21 -0.91
CA GLY B 47 -4.49 11.07 -0.42
C GLY B 47 -4.51 10.94 1.08
N PHE B 48 -5.48 11.61 1.72
CA PHE B 48 -5.52 11.80 3.15
C PHE B 48 -6.99 11.84 3.52
N HIS B 49 -7.45 10.86 4.29
CA HIS B 49 -8.87 10.72 4.56
C HIS B 49 -9.12 10.20 5.96
N VAL B 50 -10.28 10.56 6.52
CA VAL B 50 -10.79 9.89 7.70
C VAL B 50 -11.51 8.63 7.25
N HIS B 51 -11.16 7.50 7.85
CA HIS B 51 -11.87 6.25 7.56
C HIS B 51 -12.73 5.84 8.75
N THR B 52 -13.67 4.93 8.47
CA THR B 52 -14.78 4.68 9.36
C THR B 52 -14.36 3.97 10.65
N ASN B 53 -13.54 3.00 10.54
CA ASN B 53 -13.30 2.17 11.72
C ASN B 53 -12.05 2.60 12.50
N PRO B 54 -12.08 2.41 13.83
CA PRO B 54 -10.94 2.69 14.70
C PRO B 54 -9.95 1.53 14.74
N SER B 55 -9.44 1.20 13.56
CA SER B 55 -8.46 0.15 13.41
C SER B 55 -7.56 0.48 12.21
N CYS B 56 -6.28 0.12 12.35
CA CYS B 56 -5.32 0.14 11.25
C CYS B 56 -4.82 -1.25 10.89
N MET B 57 -5.47 -2.30 11.40
CA MET B 57 -5.05 -3.67 11.12
C MET B 57 -5.15 -4.00 9.62
N PRO B 58 -4.21 -4.78 9.08
CA PRO B 58 -4.36 -5.29 7.72
C PRO B 58 -5.51 -6.28 7.65
N GLY B 59 -5.97 -6.49 6.44
CA GLY B 59 -7.06 -7.41 6.21
C GLY B 59 -6.88 -8.14 4.89
N MET B 60 -7.54 -9.29 4.83
CA MET B 60 -7.60 -10.07 3.60
C MET B 60 -8.77 -9.61 2.75
N LYS B 61 -8.52 -9.48 1.45
CA LYS B 61 -9.58 -9.22 0.47
C LYS B 61 -9.17 -9.93 -0.82
N ASP B 62 -9.99 -10.86 -1.29
CA ASP B 62 -9.75 -11.53 -2.57
C ASP B 62 -8.41 -12.28 -2.55
N GLY B 63 -8.07 -12.86 -1.41
CA GLY B 63 -6.81 -13.57 -1.31
C GLY B 63 -5.57 -12.71 -1.23
N LYS B 64 -5.69 -11.38 -1.19
CA LYS B 64 -4.56 -10.50 -0.97
C LYS B 64 -4.58 -9.97 0.46
N GLU B 65 -3.39 -9.82 1.04
CA GLU B 65 -3.23 -9.17 2.34
C GLU B 65 -3.11 -7.66 2.10
N VAL B 66 -4.06 -6.89 2.60
CA VAL B 66 -4.18 -5.47 2.24
C VAL B 66 -3.82 -4.62 3.46
N PRO B 67 -2.77 -3.82 3.38
CA PRO B 67 -2.41 -2.95 4.53
C PRO B 67 -3.57 -2.05 4.94
N ALA B 68 -3.84 -2.06 6.25
CA ALA B 68 -4.81 -1.19 6.93
C ALA B 68 -6.23 -1.31 6.36
N LEU B 69 -6.58 -2.46 5.79
CA LEU B 69 -7.92 -2.64 5.26
C LEU B 69 -8.99 -2.57 6.34
N MET B 70 -8.67 -2.93 7.59
CA MET B 70 -9.71 -2.98 8.60
C MET B 70 -10.14 -1.59 9.06
N ALA B 71 -9.45 -0.52 8.64
CA ALA B 71 -9.99 0.82 8.85
C ALA B 71 -11.30 1.04 8.10
N GLY B 72 -11.66 0.17 7.18
CA GLY B 72 -12.83 0.36 6.36
C GLY B 72 -12.65 1.47 5.32
N GLY B 73 -13.79 1.96 4.85
CA GLY B 73 -13.83 2.96 3.79
C GLY B 73 -13.75 4.40 4.32
N HIS B 74 -13.87 5.34 3.38
CA HIS B 74 -13.91 6.75 3.77
C HIS B 74 -15.14 7.03 4.62
N LEU B 75 -14.96 7.80 5.69
CA LEU B 75 -16.06 8.19 6.57
C LEU B 75 -17.19 8.84 5.77
N ASP B 76 -18.41 8.29 5.91
CA ASP B 76 -19.50 8.64 5.00
C ASP B 76 -20.83 8.46 5.73
N PRO B 77 -21.06 9.23 6.79
CA PRO B 77 -22.33 9.08 7.54
C PRO B 77 -23.57 9.27 6.69
N GLU B 78 -23.52 10.13 5.69
CA GLU B 78 -24.66 10.37 4.82
C GLU B 78 -24.81 9.32 3.74
N LYS B 79 -23.91 8.34 3.68
CA LYS B 79 -23.95 7.25 2.70
C LYS B 79 -24.03 7.78 1.26
N THR B 80 -23.24 8.82 0.97
CA THR B 80 -23.24 9.36 -0.38
C THR B 80 -22.68 8.39 -1.41
N GLY B 81 -21.67 7.61 -1.01
CA GLY B 81 -20.95 6.74 -1.91
C GLY B 81 -20.12 7.43 -2.96
N LYS B 82 -19.85 8.72 -2.78
CA LYS B 82 -19.15 9.54 -3.75
C LYS B 82 -17.93 10.19 -3.10
N HIS B 83 -16.78 10.08 -3.77
CA HIS B 83 -15.56 10.74 -3.31
C HIS B 83 -15.41 12.07 -4.05
N LEU B 84 -15.59 13.19 -3.33
CA LEU B 84 -15.64 14.50 -3.98
C LEU B 84 -14.77 15.55 -3.31
N GLY B 85 -14.00 15.15 -2.31
CA GLY B 85 -13.04 16.05 -1.71
C GLY B 85 -13.58 16.89 -0.59
N PRO B 86 -12.67 17.68 0.00
CA PRO B 86 -13.00 18.40 1.23
C PRO B 86 -13.87 19.64 1.07
N TYR B 87 -14.20 20.05 -0.16
CA TYR B 87 -14.95 21.27 -0.41
C TYR B 87 -16.32 21.02 -1.03
N ASN B 88 -16.78 19.77 -1.03
CA ASN B 88 -18.02 19.39 -1.70
C ASN B 88 -18.84 18.55 -0.75
N ASP B 89 -20.00 19.09 -0.34
CA ASP B 89 -20.79 18.41 0.69
C ASP B 89 -21.60 17.24 0.15
N LYS B 90 -21.53 16.94 -1.15
CA LYS B 90 -22.21 15.80 -1.72
C LYS B 90 -21.40 14.51 -1.65
N GLY B 91 -20.19 14.55 -1.08
CA GLY B 91 -19.39 13.36 -0.96
C GLY B 91 -18.97 13.02 0.47
N HIS B 92 -18.05 12.06 0.58
CA HIS B 92 -17.64 11.53 1.87
C HIS B 92 -17.23 12.65 2.82
N LEU B 93 -17.82 12.67 4.02
CA LEU B 93 -17.38 13.63 5.04
C LEU B 93 -15.91 13.44 5.41
N GLY B 94 -15.40 12.24 5.27
CA GLY B 94 -14.01 11.95 5.58
C GLY B 94 -12.99 12.47 4.59
N ASP B 95 -13.40 13.13 3.53
CA ASP B 95 -12.45 13.56 2.51
C ASP B 95 -11.73 14.83 2.99
N LEU B 96 -10.43 14.70 3.26
CA LEU B 96 -9.56 15.79 3.67
C LEU B 96 -8.76 16.30 2.50
N PRO B 97 -8.19 17.49 2.60
CA PRO B 97 -7.26 17.95 1.55
C PRO B 97 -6.09 16.99 1.42
N GLY B 98 -5.51 16.96 0.22
CA GLY B 98 -4.35 16.12 0.01
C GLY B 98 -3.22 16.53 0.94
N LEU B 99 -2.53 15.52 1.49
CA LEU B 99 -1.41 15.78 2.40
C LEU B 99 -0.14 16.07 1.60
N VAL B 100 0.51 17.18 1.95
CA VAL B 100 1.66 17.69 1.21
C VAL B 100 2.94 17.30 1.92
N VAL B 101 3.80 16.58 1.19
CA VAL B 101 5.11 16.12 1.67
C VAL B 101 6.21 16.93 0.99
N ASN B 102 7.11 17.47 1.82
CA ASN B 102 8.20 18.28 1.33
C ASN B 102 9.27 17.43 0.63
N ALA B 103 10.23 18.12 0.01
CA ALA B 103 11.30 17.42 -0.72
C ALA B 103 12.08 16.48 0.20
N ASP B 104 12.19 16.83 1.47
CA ASP B 104 12.96 16.06 2.42
C ASP B 104 12.18 14.91 3.05
N GLY B 105 11.00 14.60 2.53
CA GLY B 105 10.25 13.48 3.05
C GLY B 105 9.39 13.79 4.24
N THR B 106 9.42 15.02 4.74
CA THR B 106 8.59 15.40 5.86
C THR B 106 7.30 16.06 5.39
N ALA B 107 6.30 16.00 6.25
CA ALA B 107 5.04 16.68 6.04
C ALA B 107 4.78 17.60 7.21
N THR B 108 4.67 18.90 6.89
CA THR B 108 4.44 19.94 7.86
C THR B 108 3.35 20.93 7.47
N TYR B 109 2.94 20.98 6.21
CA TYR B 109 1.99 21.97 5.73
C TYR B 109 0.59 21.75 6.29
N PRO B 110 -0.01 22.73 6.97
CA PRO B 110 -1.31 22.52 7.58
C PRO B 110 -2.43 22.37 6.56
N LEU B 111 -3.42 21.56 6.93
CA LEU B 111 -4.52 21.20 6.04
C LEU B 111 -5.85 21.51 6.69
N LEU B 112 -6.61 22.41 6.07
CA LEU B 112 -7.91 22.82 6.59
C LEU B 112 -9.02 22.02 5.92
N ALA B 113 -9.85 21.35 6.72
CA ALA B 113 -11.02 20.62 6.26
C ALA B 113 -12.26 21.37 6.73
N PRO B 114 -12.83 22.24 5.90
CA PRO B 114 -13.88 23.16 6.41
C PRO B 114 -15.22 22.51 6.71
N ARG B 115 -15.48 21.31 6.16
CA ARG B 115 -16.73 20.63 6.40
C ARG B 115 -16.79 19.97 7.77
N LEU B 116 -15.65 19.77 8.42
CA LEU B 116 -15.57 19.22 9.76
C LEU B 116 -15.42 20.37 10.75
N LYS B 117 -16.24 20.36 11.81
CA LYS B 117 -16.32 21.51 12.71
C LYS B 117 -15.87 21.22 14.14
N SER B 118 -15.97 19.98 14.61
CA SER B 118 -15.65 19.65 15.98
C SER B 118 -14.83 18.36 16.03
N LEU B 119 -13.85 18.33 16.94
CA LEU B 119 -13.05 17.13 17.12
C LEU B 119 -13.89 15.90 17.47
N SER B 120 -15.08 16.11 18.05
CA SER B 120 -15.93 14.97 18.37
C SER B 120 -16.27 14.16 17.13
N GLU B 121 -16.28 14.79 15.96
CA GLU B 121 -16.63 14.09 14.75
C GLU B 121 -15.59 13.07 14.32
N LEU B 122 -14.41 13.09 14.93
CA LEU B 122 -13.36 12.16 14.57
C LEU B 122 -13.27 10.97 15.52
N LYS B 123 -13.87 11.08 16.70
CA LYS B 123 -13.75 10.04 17.70
C LYS B 123 -14.36 8.75 17.18
N GLY B 124 -13.63 7.66 17.40
CA GLY B 124 -14.05 6.36 16.92
C GLY B 124 -13.64 6.04 15.50
N HIS B 125 -12.79 6.87 14.89
CA HIS B 125 -12.44 6.70 13.49
C HIS B 125 -10.92 6.62 13.36
N SER B 126 -10.43 6.69 12.13
CA SER B 126 -9.02 6.54 11.83
C SER B 126 -8.64 7.54 10.75
N LEU B 127 -7.37 7.92 10.73
CA LEU B 127 -6.78 8.75 9.68
C LEU B 127 -5.85 7.92 8.82
N MET B 128 -5.93 8.14 7.51
CA MET B 128 -5.19 7.37 6.53
C MET B 128 -4.40 8.25 5.58
N ILE B 129 -3.17 7.83 5.31
CA ILE B 129 -2.33 8.43 4.29
C ILE B 129 -2.06 7.38 3.21
N HIS B 130 -2.33 7.76 1.95
CA HIS B 130 -2.21 6.84 0.84
C HIS B 130 -0.94 7.04 0.03
N LYS B 131 -0.68 6.05 -0.82
CA LYS B 131 0.44 6.06 -1.73
C LYS B 131 0.28 7.13 -2.81
N GLY B 132 -0.88 7.13 -3.48
CA GLY B 132 -1.13 8.07 -4.56
C GLY B 132 -1.69 9.38 -4.02
N GLY B 133 -2.10 10.23 -4.95
CA GLY B 133 -2.64 11.54 -4.63
C GLY B 133 -4.14 11.54 -4.40
N ASP B 134 -4.76 12.69 -4.70
CA ASP B 134 -6.21 12.86 -4.55
C ASP B 134 -6.66 13.99 -5.45
N ASN B 135 -7.32 13.67 -6.56
CA ASN B 135 -7.92 14.70 -7.40
C ASN B 135 -9.38 14.99 -7.04
N TYR B 136 -9.84 14.51 -5.88
CA TYR B 136 -11.15 14.86 -5.32
C TYR B 136 -12.27 14.37 -6.22
N SER B 137 -12.05 13.26 -6.91
CA SER B 137 -13.05 12.68 -7.79
C SER B 137 -12.90 11.17 -7.84
N ASP B 138 -13.94 10.50 -8.34
CA ASP B 138 -13.86 9.07 -8.62
C ASP B 138 -13.44 8.79 -10.06
N LYS B 139 -13.18 9.83 -10.86
CA LYS B 139 -12.61 9.72 -12.19
C LYS B 139 -11.35 10.56 -12.29
N PRO B 140 -10.33 10.07 -13.02
CA PRO B 140 -10.34 8.81 -13.74
C PRO B 140 -10.11 7.57 -12.87
N ALA B 141 -9.69 7.75 -11.61
CA ALA B 141 -9.47 6.62 -10.73
C ALA B 141 -10.35 6.70 -9.50
N PRO B 142 -10.83 5.57 -8.99
CA PRO B 142 -11.69 5.61 -7.81
C PRO B 142 -10.95 6.24 -6.62
N LEU B 143 -11.74 6.90 -5.79
CA LEU B 143 -11.28 7.40 -4.50
C LEU B 143 -10.08 8.34 -4.67
N GLY B 144 -10.13 9.14 -5.73
CA GLY B 144 -9.16 10.18 -5.95
C GLY B 144 -7.84 9.72 -6.51
N GLY B 145 -7.67 8.42 -6.72
CA GLY B 145 -6.39 7.86 -7.09
C GLY B 145 -5.45 7.58 -5.94
N GLY B 146 -5.97 7.51 -4.72
CA GLY B 146 -5.10 7.33 -3.56
C GLY B 146 -4.43 5.98 -3.53
N GLY B 147 -5.13 4.96 -4.02
CA GLY B 147 -4.57 3.62 -4.01
C GLY B 147 -4.24 3.10 -2.63
N ALA B 148 -3.08 2.47 -2.54
CA ALA B 148 -2.72 1.70 -1.37
C ALA B 148 -2.62 2.58 -0.13
N ARG B 149 -2.86 1.97 1.02
CA ARG B 149 -2.76 2.62 2.32
C ARG B 149 -1.34 2.48 2.85
N PHE B 150 -0.68 3.61 3.04
CA PHE B 150 0.72 3.66 3.47
C PHE B 150 0.90 3.91 4.96
N ALA B 151 0.03 4.72 5.57
CA ALA B 151 0.16 5.00 6.99
C ALA B 151 -1.21 5.31 7.56
N CYS B 152 -1.36 5.03 8.86
CA CYS B 152 -2.66 5.00 9.50
C CYS B 152 -2.48 5.28 10.99
N GLY B 153 -3.51 5.90 11.57
CA GLY B 153 -3.57 6.15 13.00
C GLY B 153 -5.01 6.15 13.48
N VAL B 154 -5.24 5.52 14.63
CA VAL B 154 -6.55 5.48 15.24
C VAL B 154 -6.74 6.71 16.12
N ILE B 155 -7.92 7.27 16.09
CA ILE B 155 -8.26 8.41 16.91
C ILE B 155 -8.98 7.86 18.14
N ASN C 2 15.11 5.13 4.58
CA ASN C 2 15.40 3.82 5.16
C ASN C 2 15.92 2.80 4.16
N THR C 3 16.58 1.77 4.71
CA THR C 3 17.32 0.79 3.94
C THR C 3 17.13 -0.59 4.53
N LEU C 4 17.08 -1.60 3.66
CA LEU C 4 17.14 -2.99 4.11
C LEU C 4 17.98 -3.83 3.16
N THR C 5 18.32 -5.03 3.61
CA THR C 5 19.22 -5.92 2.88
C THR C 5 18.58 -7.28 2.73
N VAL C 6 18.70 -7.84 1.53
CA VAL C 6 18.06 -9.09 1.19
C VAL C 6 19.13 -10.09 0.75
N LYS C 7 19.34 -11.14 1.54
CA LYS C 7 20.28 -12.17 1.15
C LYS C 7 19.66 -13.01 0.01
N MET C 8 20.44 -13.27 -1.03
CA MET C 8 19.97 -14.00 -2.19
C MET C 8 20.76 -15.31 -2.30
N ASN C 9 20.03 -16.40 -2.57
CA ASN C 9 20.61 -17.75 -2.68
C ASN C 9 20.15 -18.43 -3.97
N ASP C 10 21.03 -19.28 -4.51
CA ASP C 10 20.66 -20.15 -5.62
C ASP C 10 19.37 -20.87 -5.27
N ALA C 11 18.50 -21.00 -6.26
CA ALA C 11 17.24 -21.71 -6.10
C ALA C 11 17.36 -22.99 -6.92
N LEU C 12 17.52 -24.13 -6.26
CA LEU C 12 17.58 -25.40 -6.95
C LEU C 12 16.21 -26.09 -6.98
N SER C 13 16.06 -27.02 -7.92
CA SER C 13 14.83 -27.82 -7.94
C SER C 13 14.64 -28.55 -6.62
N SER C 14 15.73 -28.89 -5.93
CA SER C 14 15.65 -29.68 -4.73
C SER C 14 15.65 -28.86 -3.44
N GLY C 15 15.84 -27.55 -3.54
CA GLY C 15 15.85 -26.70 -2.37
C GLY C 15 16.77 -25.49 -2.56
N THR C 16 17.06 -24.83 -1.45
CA THR C 16 17.86 -23.62 -1.43
C THR C 16 19.35 -24.00 -1.51
N GLY C 17 20.05 -23.39 -2.45
CA GLY C 17 21.44 -23.62 -2.71
C GLY C 17 22.33 -22.59 -2.04
N GLU C 18 23.50 -22.38 -2.63
CA GLU C 18 24.52 -21.51 -2.05
C GLU C 18 24.13 -20.03 -2.13
N ASN C 19 24.66 -19.26 -1.18
CA ASN C 19 24.51 -17.82 -1.20
C ASN C 19 25.31 -17.20 -2.33
N ILE C 20 24.71 -16.22 -2.99
CA ILE C 20 25.34 -15.47 -4.07
C ILE C 20 25.47 -13.99 -3.74
N GLY C 21 25.38 -13.59 -2.48
CA GLY C 21 25.48 -12.22 -2.11
C GLY C 21 24.18 -11.67 -1.55
N GLU C 22 24.04 -10.36 -1.69
CA GLU C 22 22.87 -9.69 -1.16
C GLU C 22 22.51 -8.50 -2.06
N ILE C 23 21.29 -7.98 -1.85
CA ILE C 23 20.78 -6.82 -2.56
C ILE C 23 20.32 -5.81 -1.51
N THR C 24 20.83 -4.59 -1.61
CA THR C 24 20.43 -3.51 -0.71
C THR C 24 19.28 -2.75 -1.36
N VAL C 25 18.26 -2.46 -0.57
CA VAL C 25 17.12 -1.72 -1.06
C VAL C 25 17.00 -0.46 -0.20
N SER C 26 17.00 0.69 -0.85
CA SER C 26 16.89 1.97 -0.16
C SER C 26 15.79 2.84 -0.76
N GLU C 27 15.10 3.55 0.12
CA GLU C 27 14.12 4.54 -0.31
C GLU C 27 14.83 5.79 -0.83
N THR C 28 14.39 6.27 -1.97
CA THR C 28 14.80 7.56 -2.53
C THR C 28 13.57 8.39 -2.77
N PRO C 29 13.74 9.70 -3.05
CA PRO C 29 12.59 10.53 -3.42
C PRO C 29 11.91 10.09 -4.71
N TYR C 30 12.55 9.22 -5.48
CA TYR C 30 12.10 8.79 -6.80
C TYR C 30 11.53 7.38 -6.81
N GLY C 31 11.57 6.66 -5.68
CA GLY C 31 11.22 5.26 -5.59
C GLY C 31 12.34 4.43 -5.02
N LEU C 32 12.13 3.11 -5.02
CA LEU C 32 13.08 2.23 -4.36
C LEU C 32 14.28 1.92 -5.25
N LEU C 33 15.47 2.02 -4.66
CA LEU C 33 16.72 1.74 -5.34
C LEU C 33 17.28 0.41 -4.86
N PHE C 34 17.41 -0.53 -5.80
CA PHE C 34 17.96 -1.85 -5.53
C PHE C 34 19.42 -1.86 -5.95
N THR C 35 20.31 -1.95 -4.97
CA THR C 35 21.72 -2.01 -5.33
C THR C 35 22.23 -3.42 -5.10
N PRO C 36 22.50 -4.19 -6.14
CA PRO C 36 22.98 -5.57 -5.94
C PRO C 36 24.43 -5.61 -5.53
N HIS C 37 24.76 -6.62 -4.73
CA HIS C 37 26.13 -7.00 -4.40
C HIS C 37 26.19 -8.53 -4.57
N LEU C 38 26.09 -8.99 -5.82
CA LEU C 38 25.95 -10.40 -6.16
C LEU C 38 27.14 -10.89 -6.97
N ASN C 39 27.32 -12.21 -6.94
CA ASN C 39 28.35 -12.91 -7.71
C ASN C 39 27.74 -14.18 -8.28
N GLY C 40 28.46 -14.83 -9.17
CA GLY C 40 28.04 -16.13 -9.68
C GLY C 40 26.88 -16.12 -10.66
N LEU C 41 26.69 -15.03 -11.38
CA LEU C 41 25.62 -14.92 -12.36
C LEU C 41 26.23 -14.86 -13.76
N THR C 42 25.45 -15.26 -14.76
CA THR C 42 25.89 -15.12 -16.14
C THR C 42 25.83 -13.66 -16.58
N PRO C 43 26.86 -13.17 -17.30
CA PRO C 43 26.82 -11.79 -17.76
C PRO C 43 25.58 -11.51 -18.59
N GLY C 44 25.12 -10.27 -18.53
CA GLY C 44 23.94 -9.86 -19.27
C GLY C 44 22.82 -9.37 -18.38
N ILE C 45 21.61 -9.42 -18.89
CA ILE C 45 20.43 -8.86 -18.22
C ILE C 45 19.53 -10.00 -17.78
N HIS C 46 19.12 -9.97 -16.52
CA HIS C 46 18.33 -11.03 -15.92
C HIS C 46 16.98 -10.50 -15.42
N GLY C 47 15.92 -11.24 -15.73
CA GLY C 47 14.62 -10.93 -15.15
C GLY C 47 14.71 -10.89 -13.62
N PHE C 48 14.05 -9.87 -13.05
CA PHE C 48 14.19 -9.52 -11.64
C PHE C 48 12.84 -9.00 -11.18
N HIS C 49 12.20 -9.74 -10.28
CA HIS C 49 10.86 -9.38 -9.86
C HIS C 49 10.64 -9.65 -8.38
N VAL C 50 9.74 -8.87 -7.79
CA VAL C 50 9.19 -9.18 -6.48
C VAL C 50 8.05 -10.17 -6.66
N HIS C 51 8.02 -11.21 -5.83
CA HIS C 51 6.95 -12.19 -5.82
C HIS C 51 6.15 -12.08 -4.52
N THR C 52 4.93 -12.62 -4.54
CA THR C 52 3.96 -12.36 -3.48
C THR C 52 4.34 -13.00 -2.14
N ASN C 53 4.81 -14.24 -2.17
CA ASN C 53 4.96 -14.97 -0.92
C ASN C 53 6.39 -14.85 -0.38
N PRO C 54 6.51 -14.75 0.94
CA PRO C 54 7.84 -14.80 1.60
C PRO C 54 8.35 -16.23 1.75
N SER C 55 8.58 -16.88 0.62
CA SER C 55 9.13 -18.23 0.55
C SER C 55 9.97 -18.35 -0.73
N CYS C 56 11.08 -19.09 -0.60
CA CYS C 56 11.88 -19.53 -1.74
C CYS C 56 11.83 -21.06 -1.89
N MET C 57 10.86 -21.71 -1.25
CA MET C 57 10.86 -23.18 -1.29
C MET C 57 10.41 -23.68 -2.65
N PRO C 58 11.01 -24.78 -3.14
CA PRO C 58 10.57 -25.39 -4.40
C PRO C 58 9.22 -26.09 -4.24
N GLY C 59 8.68 -26.46 -5.40
CA GLY C 59 7.45 -27.24 -5.42
C GLY C 59 7.26 -27.89 -6.78
N MET C 60 6.18 -28.67 -6.87
CA MET C 60 5.80 -29.37 -8.09
C MET C 60 4.70 -28.61 -8.82
N LYS C 61 4.85 -28.49 -10.13
CA LYS C 61 3.82 -27.89 -10.98
C LYS C 61 3.86 -28.62 -12.30
N ASP C 62 2.77 -29.31 -12.64
CA ASP C 62 2.67 -30.09 -13.88
C ASP C 62 3.74 -31.17 -13.94
N GLY C 63 3.94 -31.87 -12.81
CA GLY C 63 4.85 -32.98 -12.77
C GLY C 63 6.32 -32.62 -12.76
N LYS C 64 6.65 -31.35 -12.61
CA LYS C 64 8.04 -30.89 -12.64
C LYS C 64 8.36 -30.17 -11.33
N GLU C 65 9.51 -30.49 -10.76
CA GLU C 65 10.06 -29.70 -9.67
C GLU C 65 10.41 -28.30 -10.20
N VAL C 66 9.89 -27.27 -9.55
CA VAL C 66 10.09 -25.89 -9.97
C VAL C 66 10.85 -25.18 -8.86
N PRO C 67 12.06 -24.69 -9.10
CA PRO C 67 12.76 -23.90 -8.07
C PRO C 67 11.90 -22.75 -7.57
N ALA C 68 11.91 -22.55 -6.25
CA ALA C 68 11.25 -21.40 -5.64
C ALA C 68 9.80 -21.22 -6.10
N LEU C 69 9.11 -22.33 -6.37
CA LEU C 69 7.71 -22.25 -6.76
C LEU C 69 6.85 -21.59 -5.66
N MET C 70 7.16 -21.83 -4.39
CA MET C 70 6.29 -21.37 -3.31
C MET C 70 6.37 -19.84 -3.07
N ALA C 71 7.23 -19.14 -3.82
CA ALA C 71 7.20 -17.68 -3.85
C ALA C 71 5.93 -17.13 -4.48
N GLY C 72 5.20 -17.96 -5.22
CA GLY C 72 4.01 -17.48 -5.88
C GLY C 72 4.36 -16.68 -7.12
N GLY C 73 3.37 -15.89 -7.55
CA GLY C 73 3.53 -15.07 -8.74
C GLY C 73 4.19 -13.72 -8.46
N HIS C 74 4.32 -12.95 -9.54
CA HIS C 74 4.80 -11.58 -9.43
C HIS C 74 3.86 -10.78 -8.55
N LEU C 75 4.43 -9.97 -7.65
CA LEU C 75 3.64 -9.12 -6.78
C LEU C 75 2.66 -8.27 -7.60
N ASP C 76 1.39 -8.33 -7.22
CA ASP C 76 0.29 -7.80 -8.04
C ASP C 76 -0.90 -7.50 -7.14
N PRO C 77 -0.77 -6.54 -6.21
CA PRO C 77 -1.90 -6.25 -5.29
C PRO C 77 -3.15 -5.74 -6.02
N GLU C 78 -2.99 -5.03 -7.13
CA GLU C 78 -4.12 -4.58 -7.93
C GLU C 78 -4.69 -5.65 -8.84
N LYS C 79 -4.15 -6.87 -8.82
CA LYS C 79 -4.71 -7.99 -9.58
C LYS C 79 -4.81 -7.65 -11.07
N THR C 80 -3.77 -7.00 -11.60
CA THR C 80 -3.75 -6.65 -13.02
C THR C 80 -3.64 -7.88 -13.91
N GLY C 81 -2.92 -8.90 -13.44
CA GLY C 81 -2.70 -10.07 -14.25
C GLY C 81 -1.87 -9.84 -15.48
N LYS C 82 -1.10 -8.75 -15.54
CA LYS C 82 -0.28 -8.43 -16.70
C LYS C 82 1.15 -8.06 -16.33
N HIS C 83 2.11 -8.60 -17.09
CA HIS C 83 3.53 -8.29 -16.95
C HIS C 83 3.90 -7.17 -17.93
N LEU C 84 4.11 -5.94 -17.40
CA LEU C 84 4.38 -4.78 -18.23
C LEU C 84 5.63 -4.00 -17.83
N GLY C 85 6.39 -4.48 -16.86
CA GLY C 85 7.64 -3.87 -16.50
C GLY C 85 7.56 -2.77 -15.46
N PRO C 86 8.73 -2.21 -15.13
CA PRO C 86 8.83 -1.27 -14.01
C PRO C 86 8.31 0.14 -14.26
N TYR C 87 7.91 0.50 -15.49
CA TYR C 87 7.52 1.88 -15.78
C TYR C 87 6.06 1.97 -16.20
N ASN C 88 5.29 0.89 -16.05
CA ASN C 88 3.90 0.83 -16.50
C ASN C 88 3.01 0.38 -15.34
N ASP C 89 2.14 1.29 -14.88
CA ASP C 89 1.32 1.05 -13.70
C ASP C 89 0.13 0.16 -13.99
N LYS C 90 -0.03 -0.29 -15.22
CA LYS C 90 -1.09 -1.22 -15.58
C LYS C 90 -0.69 -2.67 -15.40
N GLY C 91 0.54 -2.94 -14.95
CA GLY C 91 0.99 -4.29 -14.76
C GLY C 91 1.46 -4.59 -13.34
N HIS C 92 2.02 -5.78 -13.17
CA HIS C 92 2.47 -6.22 -11.84
C HIS C 92 3.37 -5.17 -11.18
N LEU C 93 3.02 -4.82 -9.93
CA LEU C 93 3.87 -3.92 -9.16
C LEU C 93 5.24 -4.53 -8.88
N GLY C 94 5.34 -5.85 -8.86
CA GLY C 94 6.58 -6.51 -8.61
C GLY C 94 7.58 -6.51 -9.75
N ASP C 95 7.24 -5.88 -10.87
CA ASP C 95 8.10 -5.88 -12.05
C ASP C 95 9.20 -4.85 -11.87
N LEU C 96 10.43 -5.32 -11.67
CA LEU C 96 11.58 -4.47 -11.48
C LEU C 96 12.36 -4.38 -12.78
N PRO C 97 13.25 -3.40 -12.91
CA PRO C 97 14.15 -3.39 -14.06
C PRO C 97 15.01 -4.65 -14.13
N GLY C 98 15.37 -5.03 -15.35
CA GLY C 98 16.35 -6.06 -15.56
C GLY C 98 17.61 -5.88 -14.74
N LEU C 99 18.04 -6.96 -14.08
CA LEU C 99 19.27 -6.95 -13.29
C LEU C 99 20.47 -7.14 -14.22
N VAL C 100 21.42 -6.20 -14.11
CA VAL C 100 22.54 -6.10 -15.04
C VAL C 100 23.75 -6.74 -14.39
N VAL C 101 24.32 -7.72 -15.08
CA VAL C 101 25.45 -8.49 -14.56
C VAL C 101 26.68 -8.20 -15.42
N ASN C 102 27.80 -7.92 -14.75
CA ASN C 102 29.07 -7.55 -15.37
C ASN C 102 29.76 -8.79 -15.94
N ALA C 103 30.81 -8.53 -16.73
CA ALA C 103 31.50 -9.62 -17.41
C ALA C 103 32.09 -10.64 -16.44
N ASP C 104 32.43 -10.24 -15.22
CA ASP C 104 33.01 -11.18 -14.27
C ASP C 104 31.94 -11.92 -13.45
N GLY C 105 30.67 -11.77 -13.80
CA GLY C 105 29.60 -12.45 -13.11
C GLY C 105 29.09 -11.76 -11.87
N THR C 106 29.60 -10.58 -11.56
CA THR C 106 29.09 -9.81 -10.44
C THR C 106 27.99 -8.87 -10.92
N ALA C 107 27.05 -8.58 -10.03
CA ALA C 107 26.05 -7.54 -10.28
C ALA C 107 26.22 -6.44 -9.25
N THR C 108 26.43 -5.21 -9.74
CA THR C 108 26.63 -4.02 -8.97
C THR C 108 25.80 -2.81 -9.45
N TYR C 109 25.33 -2.80 -10.68
CA TYR C 109 24.65 -1.63 -11.25
C TYR C 109 23.34 -1.35 -10.53
N PRO C 110 23.13 -0.16 -9.98
CA PRO C 110 21.90 0.09 -9.22
C PRO C 110 20.68 0.17 -10.14
N LEU C 111 19.55 -0.27 -9.59
CA LEU C 111 18.29 -0.42 -10.31
C LEU C 111 17.18 0.34 -9.59
N LEU C 112 16.65 1.38 -10.24
CA LEU C 112 15.55 2.17 -9.70
C LEU C 112 14.21 1.60 -10.16
N ALA C 113 13.35 1.27 -9.21
CA ALA C 113 12.00 0.79 -9.50
C ALA C 113 11.05 1.90 -9.02
N PRO C 114 10.74 2.87 -9.90
CA PRO C 114 10.06 4.09 -9.43
C PRO C 114 8.62 3.88 -9.02
N ARG C 115 7.98 2.77 -9.40
CA ARG C 115 6.61 2.54 -8.97
C ARG C 115 6.52 2.12 -7.52
N LEU C 116 7.59 1.56 -6.97
CA LEU C 116 7.64 1.21 -5.55
C LEU C 116 8.19 2.38 -4.78
N LYS C 117 7.43 2.81 -3.76
CA LYS C 117 7.77 4.03 -3.02
C LYS C 117 8.17 3.80 -1.58
N SER C 118 7.83 2.68 -0.97
CA SER C 118 8.14 2.41 0.42
C SER C 118 8.61 0.97 0.59
N LEU C 119 9.57 0.79 1.49
CA LEU C 119 9.96 -0.56 1.88
C LEU C 119 8.80 -1.34 2.47
N SER C 120 7.81 -0.63 3.01
CA SER C 120 6.61 -1.30 3.51
C SER C 120 5.96 -2.14 2.42
N GLU C 121 6.18 -1.78 1.15
CA GLU C 121 5.57 -2.51 0.06
C GLU C 121 6.28 -3.82 -0.25
N LEU C 122 7.50 -3.99 0.25
CA LEU C 122 8.30 -5.17 -0.02
C LEU C 122 8.30 -6.17 1.13
N LYS C 123 8.07 -5.69 2.34
CA LYS C 123 8.16 -6.53 3.52
C LYS C 123 7.08 -7.60 3.48
N GLY C 124 7.50 -8.85 3.67
CA GLY C 124 6.62 -9.98 3.61
C GLY C 124 6.52 -10.60 2.24
N HIS C 125 7.45 -10.28 1.34
CA HIS C 125 7.42 -10.80 -0.01
C HIS C 125 8.77 -11.43 -0.33
N SER C 126 9.04 -11.70 -1.60
CA SER C 126 10.29 -12.32 -2.00
C SER C 126 10.85 -11.65 -3.25
N LEU C 127 12.18 -11.76 -3.42
CA LEU C 127 12.86 -11.30 -4.62
C LEU C 127 13.35 -12.49 -5.42
N MET C 128 13.16 -12.42 -6.75
CA MET C 128 13.54 -13.49 -7.65
C MET C 128 14.41 -12.99 -8.81
N ILE C 129 15.43 -13.79 -9.13
CA ILE C 129 16.29 -13.59 -10.29
C ILE C 129 16.16 -14.79 -11.23
N HIS C 130 15.96 -14.51 -12.52
CA HIS C 130 15.86 -15.50 -13.57
C HIS C 130 17.18 -15.72 -14.32
N LYS C 131 17.25 -16.84 -15.05
CA LYS C 131 18.41 -17.12 -15.89
C LYS C 131 18.39 -16.24 -17.15
N GLY C 132 17.22 -16.07 -17.72
CA GLY C 132 17.04 -15.25 -18.90
C GLY C 132 16.65 -13.83 -18.53
N GLY C 133 16.23 -13.09 -19.55
CA GLY C 133 16.05 -11.66 -19.45
C GLY C 133 14.63 -11.24 -19.13
N ASP C 134 14.34 -9.97 -19.46
CA ASP C 134 13.01 -9.40 -19.27
C ASP C 134 12.81 -8.31 -20.32
N ASN C 135 11.89 -8.52 -21.24
CA ASN C 135 11.52 -7.49 -22.21
C ASN C 135 10.28 -6.71 -21.80
N TYR C 136 9.87 -6.84 -20.54
CA TYR C 136 8.78 -6.06 -19.94
C TYR C 136 7.43 -6.27 -20.64
N SER C 137 7.18 -7.49 -21.12
CA SER C 137 5.96 -7.82 -21.82
C SER C 137 5.67 -9.31 -21.68
N ASP C 138 4.43 -9.67 -21.97
CA ASP C 138 4.03 -11.07 -22.03
C ASP C 138 4.22 -11.71 -23.42
N LYS C 139 4.79 -10.97 -24.38
CA LYS C 139 5.12 -11.46 -25.71
C LYS C 139 6.56 -11.10 -26.05
N PRO C 140 7.30 -11.99 -26.75
CA PRO C 140 6.85 -13.29 -27.27
C PRO C 140 6.74 -14.37 -26.20
N ALA C 141 7.23 -14.11 -24.98
CA ALA C 141 7.18 -15.10 -23.93
C ALA C 141 6.49 -14.56 -22.68
N PRO C 142 5.61 -15.34 -22.07
CA PRO C 142 4.96 -14.88 -20.84
C PRO C 142 6.00 -14.40 -19.83
N LEU C 143 5.61 -13.40 -19.05
CA LEU C 143 6.36 -12.89 -17.90
C LEU C 143 7.75 -12.42 -18.27
N GLY C 144 7.92 -11.98 -19.51
CA GLY C 144 9.11 -11.31 -19.93
C GLY C 144 10.21 -12.17 -20.50
N GLY C 145 10.02 -13.49 -20.55
CA GLY C 145 11.01 -14.39 -21.11
C GLY C 145 12.14 -14.80 -20.18
N GLY C 146 11.91 -14.80 -18.87
CA GLY C 146 12.99 -15.05 -17.92
C GLY C 146 13.50 -16.49 -17.87
N GLY C 147 12.79 -17.45 -18.48
CA GLY C 147 13.25 -18.81 -18.33
C GLY C 147 13.22 -19.27 -16.87
N ALA C 148 14.14 -20.18 -16.54
CA ALA C 148 14.15 -20.78 -15.22
C ALA C 148 14.45 -19.76 -14.12
N ARG C 149 13.86 -20.00 -12.94
CA ARG C 149 14.16 -19.25 -11.73
C ARG C 149 15.53 -19.67 -11.20
N PHE C 150 16.42 -18.69 -10.99
CA PHE C 150 17.81 -18.95 -10.69
C PHE C 150 18.20 -18.70 -9.25
N ALA C 151 17.70 -17.62 -8.66
CA ALA C 151 18.01 -17.28 -7.29
C ALA C 151 16.81 -16.54 -6.68
N CYS C 152 16.76 -16.58 -5.35
CA CYS C 152 15.62 -16.09 -4.59
C CYS C 152 16.06 -15.63 -3.21
N GLY C 153 15.31 -14.69 -2.66
CA GLY C 153 15.52 -14.23 -1.30
C GLY C 153 14.24 -13.71 -0.68
N VAL C 154 14.05 -13.99 0.57
CA VAL C 154 12.87 -13.55 1.28
C VAL C 154 13.14 -12.20 1.92
N ILE C 155 12.15 -11.32 1.80
CA ILE C 155 12.17 -10.00 2.45
C ILE C 155 11.36 -10.19 3.73
N GLU C 156 12.06 -10.25 4.85
CA GLU C 156 11.44 -10.57 6.11
C GLU C 156 10.40 -9.51 6.48
N LYS C 157 9.30 -9.98 7.05
CA LYS C 157 8.28 -9.12 7.64
C LYS C 157 8.82 -8.21 8.73
N GLU D 1 -21.08 29.00 -11.14
CA GLU D 1 -19.99 29.30 -10.15
C GLU D 1 -19.36 30.65 -10.49
N ASN D 2 -19.20 31.51 -9.48
CA ASN D 2 -18.54 32.80 -9.68
C ASN D 2 -17.04 32.59 -9.64
N THR D 3 -16.35 32.98 -10.71
CA THR D 3 -14.90 32.82 -10.79
C THR D 3 -14.25 34.04 -11.45
N LEU D 4 -12.97 34.17 -11.16
CA LEU D 4 -12.07 35.14 -11.79
C LEU D 4 -10.81 34.37 -12.19
N THR D 5 -10.22 34.74 -13.32
CA THR D 5 -8.95 34.14 -13.74
C THR D 5 -7.89 35.22 -13.77
N VAL D 6 -6.78 34.96 -13.11
CA VAL D 6 -5.67 35.90 -12.96
C VAL D 6 -4.45 35.31 -13.67
N LYS D 7 -3.97 36.00 -14.71
CA LYS D 7 -2.74 35.60 -15.36
C LYS D 7 -1.55 35.99 -14.49
N MET D 8 -0.61 35.05 -14.32
CA MET D 8 0.58 35.27 -13.52
C MET D 8 1.82 35.28 -14.39
N ASN D 9 2.71 36.23 -14.11
CA ASN D 9 3.94 36.40 -14.86
C ASN D 9 5.15 36.44 -13.94
N ASP D 10 6.27 35.88 -14.41
CA ASP D 10 7.52 36.05 -13.70
C ASP D 10 7.74 37.52 -13.42
N ALA D 11 8.24 37.81 -12.22
CA ALA D 11 8.58 39.16 -11.80
C ALA D 11 10.10 39.25 -11.72
N LEU D 12 10.69 40.09 -12.55
CA LEU D 12 12.13 40.26 -12.59
C LEU D 12 12.49 41.60 -11.96
N SER D 13 13.77 41.74 -11.61
N SER D 13 13.77 41.73 -11.59
CA SER D 13 14.25 43.03 -11.11
CA SER D 13 14.27 43.01 -11.12
C SER D 13 14.07 44.12 -12.14
C SER D 13 14.04 44.12 -12.14
N SER D 14 14.07 43.76 -13.42
CA SER D 14 13.98 44.72 -14.51
C SER D 14 12.57 45.04 -14.96
N GLY D 15 11.61 44.21 -14.62
CA GLY D 15 10.31 44.31 -15.22
C GLY D 15 9.62 42.96 -15.17
N THR D 16 8.65 42.81 -16.07
CA THR D 16 7.83 41.62 -16.15
C THR D 16 8.43 40.63 -17.12
N GLY D 17 8.46 39.36 -16.72
CA GLY D 17 8.95 38.26 -17.49
C GLY D 17 7.84 37.45 -18.13
N GLU D 18 8.10 36.17 -18.31
CA GLU D 18 7.19 35.33 -19.08
C GLU D 18 5.95 34.98 -18.28
N ASN D 19 4.86 34.71 -19.01
CA ASN D 19 3.67 34.13 -18.39
C ASN D 19 4.00 32.73 -17.87
N ILE D 20 3.51 32.42 -16.66
CA ILE D 20 3.67 31.11 -16.04
C ILE D 20 2.33 30.42 -15.82
N GLY D 21 1.29 30.92 -16.48
CA GLY D 21 -0.03 30.36 -16.37
C GLY D 21 -1.04 31.28 -15.75
N GLU D 22 -2.03 30.67 -15.08
CA GLU D 22 -3.19 31.36 -14.55
C GLU D 22 -3.53 30.77 -13.18
N ILE D 23 -4.23 31.55 -12.37
CA ILE D 23 -4.90 31.07 -11.17
C ILE D 23 -6.38 31.42 -11.29
N THR D 24 -7.24 30.41 -11.10
CA THR D 24 -8.68 30.60 -11.12
C THR D 24 -9.18 30.63 -9.67
N VAL D 25 -9.85 31.71 -9.33
CA VAL D 25 -10.40 31.92 -8.01
C VAL D 25 -11.90 31.69 -8.10
N SER D 26 -12.42 30.86 -7.20
CA SER D 26 -13.85 30.56 -7.17
C SER D 26 -14.42 30.84 -5.80
N GLU D 27 -15.67 31.28 -5.80
CA GLU D 27 -16.42 31.44 -4.55
C GLU D 27 -17.07 30.11 -4.17
N THR D 28 -16.78 29.66 -2.97
CA THR D 28 -17.35 28.46 -2.38
C THR D 28 -18.06 28.79 -1.07
N PRO D 29 -18.86 27.86 -0.55
CA PRO D 29 -19.49 28.05 0.77
C PRO D 29 -18.49 28.21 1.90
N TYR D 30 -17.21 27.87 1.68
CA TYR D 30 -16.20 27.88 2.71
C TYR D 30 -15.19 29.01 2.52
N GLY D 31 -15.39 29.87 1.55
CA GLY D 31 -14.45 30.93 1.24
C GLY D 31 -13.92 30.82 -0.18
N LEU D 32 -12.90 31.59 -0.47
CA LEU D 32 -12.36 31.63 -1.82
C LEU D 32 -11.36 30.49 -2.03
N LEU D 33 -11.51 29.81 -3.16
CA LEU D 33 -10.67 28.71 -3.57
C LEU D 33 -9.81 29.20 -4.73
N PHE D 34 -8.49 29.14 -4.54
CA PHE D 34 -7.48 29.52 -5.51
C PHE D 34 -6.96 28.23 -6.16
N THR D 35 -7.39 27.97 -7.38
CA THR D 35 -6.94 26.80 -8.11
C THR D 35 -5.89 27.19 -9.14
N PRO D 36 -4.62 26.88 -8.90
CA PRO D 36 -3.58 27.28 -9.85
C PRO D 36 -3.52 26.34 -11.04
N HIS D 37 -3.07 26.91 -12.15
CA HIS D 37 -2.65 26.20 -13.34
C HIS D 37 -1.35 26.85 -13.81
N LEU D 38 -0.30 26.63 -13.04
CA LEU D 38 0.98 27.30 -13.26
C LEU D 38 2.06 26.30 -13.65
N ASN D 39 3.13 26.84 -14.22
CA ASN D 39 4.31 26.08 -14.57
C ASN D 39 5.55 26.92 -14.27
N GLY D 40 6.69 26.26 -14.23
CA GLY D 40 7.95 26.98 -14.12
C GLY D 40 8.33 27.45 -12.74
N LEU D 41 7.88 26.74 -11.71
CA LEU D 41 8.20 27.04 -10.33
C LEU D 41 9.06 25.93 -9.73
N THR D 42 9.82 26.29 -8.71
CA THR D 42 10.57 25.29 -7.97
C THR D 42 9.62 24.43 -7.14
N PRO D 43 9.83 23.12 -7.11
CA PRO D 43 8.96 22.24 -6.30
C PRO D 43 8.94 22.66 -4.84
N GLY D 44 7.77 22.46 -4.22
CA GLY D 44 7.59 22.77 -2.82
C GLY D 44 6.55 23.84 -2.56
N ILE D 45 6.66 24.45 -1.38
CA ILE D 45 5.70 25.42 -0.88
C ILE D 45 6.24 26.82 -1.07
N HIS D 46 5.41 27.69 -1.66
CA HIS D 46 5.78 29.07 -1.89
C HIS D 46 4.81 30.03 -1.20
N GLY D 47 5.36 31.05 -0.56
CA GLY D 47 4.53 32.11 -0.04
C GLY D 47 3.63 32.70 -1.12
N PHE D 48 2.40 32.99 -0.72
CA PHE D 48 1.33 33.33 -1.67
C PHE D 48 0.41 34.32 -0.94
N HIS D 49 0.35 35.55 -1.43
CA HIS D 49 -0.42 36.59 -0.75
C HIS D 49 -1.07 37.55 -1.73
N VAL D 50 -2.21 38.11 -1.30
CA VAL D 50 -2.80 39.27 -1.95
C VAL D 50 -2.08 40.53 -1.46
N HIS D 51 -1.66 41.37 -2.40
CA HIS D 51 -1.05 42.64 -2.06
C HIS D 51 -1.99 43.81 -2.41
N THR D 52 -1.71 44.95 -1.79
CA THR D 52 -2.65 46.06 -1.79
C THR D 52 -2.84 46.67 -3.18
N ASN D 53 -1.74 46.87 -3.94
CA ASN D 53 -1.92 47.69 -5.14
C ASN D 53 -2.05 46.87 -6.41
N PRO D 54 -2.82 47.39 -7.39
CA PRO D 54 -3.00 46.67 -8.67
C PRO D 54 -1.87 46.96 -9.65
N SER D 55 -0.65 46.61 -9.23
CA SER D 55 0.52 46.71 -10.07
C SER D 55 1.52 45.63 -9.69
N CYS D 56 2.23 45.13 -10.70
CA CYS D 56 3.33 44.19 -10.51
C CYS D 56 4.68 44.78 -10.92
N MET D 57 4.74 46.09 -11.09
CA MET D 57 5.96 46.70 -11.61
C MET D 57 7.06 46.71 -10.53
N PRO D 58 8.32 46.62 -10.94
CA PRO D 58 9.42 46.71 -9.99
C PRO D 58 9.66 48.14 -9.57
N GLY D 59 10.42 48.28 -8.49
CA GLY D 59 10.81 49.58 -8.01
C GLY D 59 12.03 49.46 -7.14
N MET D 60 12.47 50.61 -6.65
CA MET D 60 13.71 50.73 -5.90
C MET D 60 13.41 50.87 -4.41
N LYS D 61 14.18 50.13 -3.61
CA LYS D 61 14.11 50.22 -2.15
C LYS D 61 15.54 50.13 -1.62
N ASP D 62 15.95 51.16 -0.88
CA ASP D 62 17.27 51.20 -0.26
C ASP D 62 18.37 50.87 -1.29
N GLY D 63 18.25 51.46 -2.48
CA GLY D 63 19.29 51.33 -3.49
C GLY D 63 19.28 50.04 -4.29
N LYS D 64 18.30 49.17 -4.08
CA LYS D 64 18.23 47.89 -4.78
C LYS D 64 16.91 47.77 -5.53
N GLU D 65 16.97 47.13 -6.71
CA GLU D 65 15.76 46.78 -7.44
C GLU D 65 15.00 45.68 -6.71
N VAL D 66 13.69 45.85 -6.58
CA VAL D 66 12.83 44.86 -5.93
C VAL D 66 11.75 44.47 -6.93
N PRO D 67 11.72 43.22 -7.39
CA PRO D 67 10.67 42.78 -8.30
C PRO D 67 9.30 43.00 -7.69
N ALA D 68 8.39 43.54 -8.50
CA ALA D 68 6.98 43.74 -8.13
C ALA D 68 6.82 44.59 -6.87
N LEU D 69 7.79 45.48 -6.61
CA LEU D 69 7.66 46.35 -5.44
C LEU D 69 6.42 47.21 -5.47
N MET D 70 5.95 47.63 -6.65
CA MET D 70 4.85 48.57 -6.70
C MET D 70 3.52 47.92 -6.31
N ALA D 71 3.52 46.60 -6.09
CA ALA D 71 2.33 45.97 -5.57
C ALA D 71 2.03 46.41 -4.15
N GLY D 72 3.00 47.01 -3.48
CA GLY D 72 2.83 47.33 -2.09
C GLY D 72 2.91 46.12 -1.18
N GLY D 73 2.29 46.27 0.01
CA GLY D 73 2.40 45.28 1.05
C GLY D 73 1.24 44.29 1.05
N HIS D 74 1.24 43.41 2.04
CA HIS D 74 0.15 42.43 2.15
C HIS D 74 -1.18 43.15 2.39
N LEU D 75 -2.22 42.71 1.67
CA LEU D 75 -3.53 43.31 1.85
C LEU D 75 -3.95 43.24 3.32
N ASP D 76 -4.30 44.40 3.91
CA ASP D 76 -4.47 44.49 5.36
C ASP D 76 -5.48 45.60 5.67
N PRO D 77 -6.73 45.45 5.23
CA PRO D 77 -7.74 46.49 5.51
C PRO D 77 -7.93 46.79 6.99
N GLU D 78 -7.72 45.81 7.86
CA GLU D 78 -7.89 46.06 9.29
C GLU D 78 -6.65 46.65 9.95
N LYS D 79 -5.58 46.92 9.20
CA LYS D 79 -4.34 47.50 9.73
C LYS D 79 -3.85 46.72 10.96
N THR D 80 -3.89 45.39 10.84
CA THR D 80 -3.33 44.53 11.88
C THR D 80 -1.81 44.71 11.99
N GLY D 81 -1.14 44.93 10.87
CA GLY D 81 0.31 44.94 10.85
C GLY D 81 0.95 43.63 11.22
N LYS D 82 0.21 42.53 11.14
CA LYS D 82 0.74 41.22 11.50
C LYS D 82 0.52 40.22 10.38
N HIS D 83 1.53 39.37 10.15
CA HIS D 83 1.42 38.25 9.22
C HIS D 83 1.21 36.96 10.01
N LEU D 84 -0.01 36.40 9.90
CA LEU D 84 -0.42 35.27 10.72
C LEU D 84 -1.14 34.18 9.92
N GLY D 85 -1.17 34.32 8.59
CA GLY D 85 -1.62 33.24 7.75
C GLY D 85 -3.11 33.25 7.47
N PRO D 86 -3.55 32.24 6.72
CA PRO D 86 -4.92 32.27 6.18
C PRO D 86 -6.00 31.86 7.17
N TYR D 87 -5.64 31.38 8.35
CA TYR D 87 -6.60 30.83 9.30
C TYR D 87 -6.68 31.67 10.57
N ASN D 88 -6.09 32.85 10.58
CA ASN D 88 -6.00 33.67 11.78
C ASN D 88 -6.45 35.09 11.47
N ASP D 89 -7.61 35.47 12.03
CA ASP D 89 -8.19 36.76 11.68
C ASP D 89 -7.48 37.94 12.33
N LYS D 90 -6.42 37.70 13.10
CA LYS D 90 -5.68 38.80 13.70
C LYS D 90 -4.55 39.31 12.80
N GLY D 91 -4.42 38.74 11.59
CA GLY D 91 -3.40 39.17 10.67
C GLY D 91 -3.97 39.59 9.33
N HIS D 92 -3.05 39.86 8.41
CA HIS D 92 -3.38 40.40 7.10
C HIS D 92 -4.45 39.56 6.41
N LEU D 93 -5.47 40.23 5.89
CA LEU D 93 -6.51 39.51 5.13
C LEU D 93 -5.95 38.87 3.88
N GLY D 94 -4.88 39.44 3.32
CA GLY D 94 -4.27 38.93 2.12
C GLY D 94 -3.45 37.69 2.28
N ASP D 95 -3.37 37.12 3.49
CA ASP D 95 -2.51 35.97 3.72
C ASP D 95 -3.23 34.72 3.23
N LEU D 96 -2.73 34.12 2.16
CA LEU D 96 -3.28 32.93 1.56
C LEU D 96 -2.48 31.72 2.00
N PRO D 97 -3.04 30.51 1.87
CA PRO D 97 -2.24 29.32 2.10
C PRO D 97 -1.03 29.29 1.18
N GLY D 98 0.05 28.69 1.67
CA GLY D 98 1.19 28.43 0.85
C GLY D 98 0.84 27.73 -0.44
N LEU D 99 1.43 28.17 -1.55
CA LEU D 99 1.16 27.59 -2.86
C LEU D 99 2.09 26.39 -3.09
N VAL D 100 1.49 25.29 -3.48
CA VAL D 100 2.13 23.97 -3.53
C VAL D 100 2.50 23.66 -4.97
N VAL D 101 3.79 23.41 -5.21
CA VAL D 101 4.33 23.12 -6.54
C VAL D 101 4.73 21.66 -6.61
N ASN D 102 4.33 20.99 -7.68
CA ASN D 102 4.66 19.58 -7.88
C ASN D 102 6.11 19.41 -8.33
N ALA D 103 6.55 18.16 -8.42
CA ALA D 103 7.96 17.87 -8.72
C ALA D 103 8.36 18.32 -10.11
N ASP D 104 7.42 18.39 -11.05
CA ASP D 104 7.68 18.87 -12.41
C ASP D 104 7.58 20.38 -12.55
N GLY D 105 7.43 21.11 -11.44
CA GLY D 105 7.34 22.57 -11.49
C GLY D 105 5.97 23.12 -11.78
N THR D 106 4.95 22.30 -11.95
CA THR D 106 3.58 22.77 -12.12
C THR D 106 2.93 22.94 -10.75
N ALA D 107 1.95 23.84 -10.69
CA ALA D 107 1.12 24.03 -9.51
C ALA D 107 -0.33 23.83 -9.90
N THR D 108 -0.98 22.84 -9.27
CA THR D 108 -2.35 22.45 -9.51
C THR D 108 -3.20 22.28 -8.24
N TYR D 109 -2.57 22.04 -7.09
CA TYR D 109 -3.25 21.80 -5.82
C TYR D 109 -4.09 22.99 -5.39
N PRO D 110 -5.39 22.81 -5.15
CA PRO D 110 -6.24 23.96 -4.80
C PRO D 110 -6.05 24.44 -3.36
N LEU D 111 -6.23 25.74 -3.19
CA LEU D 111 -5.89 26.45 -1.95
C LEU D 111 -7.09 27.23 -1.44
N LEU D 112 -7.62 26.82 -0.30
CA LEU D 112 -8.78 27.47 0.27
C LEU D 112 -8.35 28.54 1.27
N ALA D 113 -8.81 29.78 1.04
CA ALA D 113 -8.60 30.93 1.89
C ALA D 113 -9.94 31.28 2.56
N PRO D 114 -10.23 30.71 3.73
CA PRO D 114 -11.60 30.82 4.27
C PRO D 114 -11.97 32.22 4.75
N ARG D 115 -11.01 33.09 5.01
CA ARG D 115 -11.32 34.43 5.51
C ARG D 115 -11.84 35.35 4.42
N LEU D 116 -11.56 35.03 3.17
CA LEU D 116 -12.03 35.78 2.02
C LEU D 116 -13.32 35.15 1.56
N LYS D 117 -14.37 35.97 1.37
CA LYS D 117 -15.68 35.42 1.05
C LYS D 117 -16.16 35.76 -0.35
N SER D 118 -15.65 36.81 -0.96
CA SER D 118 -16.14 37.31 -2.23
C SER D 118 -15.01 37.77 -3.14
N LEU D 119 -15.19 37.53 -4.43
CA LEU D 119 -14.27 38.04 -5.43
C LEU D 119 -14.17 39.56 -5.38
N SER D 120 -15.21 40.25 -4.91
CA SER D 120 -15.17 41.70 -4.75
C SER D 120 -14.02 42.16 -3.85
N GLU D 121 -13.53 41.29 -2.98
CA GLU D 121 -12.47 41.64 -2.06
C GLU D 121 -11.08 41.57 -2.69
N LEU D 122 -10.97 41.00 -3.89
CA LEU D 122 -9.73 40.87 -4.62
C LEU D 122 -9.57 41.91 -5.73
N LYS D 123 -10.65 42.49 -6.22
CA LYS D 123 -10.55 43.39 -7.36
C LYS D 123 -9.80 44.66 -6.98
N GLY D 124 -8.89 45.08 -7.84
CA GLY D 124 -8.07 46.23 -7.56
C GLY D 124 -6.83 45.92 -6.76
N HIS D 125 -6.47 44.65 -6.64
CA HIS D 125 -5.32 44.21 -5.87
C HIS D 125 -4.44 43.32 -6.75
N SER D 126 -3.48 42.63 -6.15
CA SER D 126 -2.54 41.82 -6.89
C SER D 126 -2.26 40.54 -6.12
N LEU D 127 -1.93 39.48 -6.87
CA LEU D 127 -1.49 38.21 -6.32
C LEU D 127 0.00 38.05 -6.51
N MET D 128 0.67 37.62 -5.45
CA MET D 128 2.11 37.49 -5.42
C MET D 128 2.53 36.09 -5.00
N ILE D 129 3.52 35.56 -5.70
CA ILE D 129 4.16 34.29 -5.35
C ILE D 129 5.63 34.59 -5.04
N HIS D 130 6.09 34.05 -3.93
CA HIS D 130 7.46 34.20 -3.47
C HIS D 130 8.32 33.00 -3.81
N LYS D 131 9.64 33.18 -3.74
CA LYS D 131 10.49 32.04 -4.00
C LYS D 131 10.59 31.14 -2.78
N GLY D 132 10.61 31.71 -1.59
CA GLY D 132 10.58 30.95 -0.35
C GLY D 132 9.17 30.62 0.11
N GLY D 133 9.08 30.08 1.31
CA GLY D 133 7.84 29.57 1.84
C GLY D 133 7.05 30.56 2.66
N ASP D 134 6.26 30.03 3.59
CA ASP D 134 5.42 30.83 4.47
C ASP D 134 5.06 29.99 5.70
N ASN D 135 5.60 30.36 6.85
CA ASN D 135 5.26 29.72 8.10
C ASN D 135 4.15 30.44 8.87
N TYR D 136 3.44 31.36 8.21
CA TYR D 136 2.26 32.01 8.80
C TYR D 136 2.60 32.80 10.06
N SER D 137 3.80 33.38 10.09
CA SER D 137 4.28 34.13 11.24
C SER D 137 5.27 35.19 10.82
N ASP D 138 5.48 36.18 11.70
CA ASP D 138 6.54 37.16 11.54
C ASP D 138 7.83 36.74 12.25
N LYS D 139 7.85 35.56 12.86
CA LYS D 139 9.04 34.97 13.45
C LYS D 139 9.30 33.62 12.80
N PRO D 140 10.56 33.29 12.46
CA PRO D 140 11.74 34.13 12.75
C PRO D 140 11.92 35.29 11.78
N ALA D 141 11.28 35.21 10.61
CA ALA D 141 11.45 36.22 9.57
C ALA D 141 10.13 36.92 9.27
N PRO D 142 10.15 38.24 9.07
CA PRO D 142 8.89 38.94 8.79
C PRO D 142 8.22 38.39 7.55
N LEU D 143 6.89 38.47 7.54
CA LEU D 143 6.06 38.15 6.40
C LEU D 143 6.15 36.68 6.01
N GLY D 144 6.51 35.82 6.95
CA GLY D 144 6.44 34.39 6.73
C GLY D 144 7.70 33.76 6.15
N GLY D 145 8.73 34.55 5.86
CA GLY D 145 9.96 34.01 5.30
C GLY D 145 9.94 33.75 3.81
N GLY D 146 9.19 34.54 3.04
CA GLY D 146 9.04 34.28 1.63
C GLY D 146 10.22 34.67 0.77
N GLY D 147 11.10 35.54 1.28
CA GLY D 147 12.23 35.95 0.46
C GLY D 147 11.78 36.79 -0.72
N ALA D 148 12.46 36.64 -1.84
CA ALA D 148 12.18 37.48 -3.00
C ALA D 148 10.83 37.18 -3.62
N ARG D 149 10.23 38.21 -4.23
CA ARG D 149 8.99 38.06 -5.00
C ARG D 149 9.33 37.45 -6.37
N PHE D 150 8.67 36.32 -6.71
CA PHE D 150 8.98 35.53 -7.90
C PHE D 150 8.01 35.73 -9.05
N ALA D 151 6.71 35.82 -8.77
CA ALA D 151 5.73 36.03 -9.82
C ALA D 151 4.59 36.87 -9.26
N CYS D 152 3.84 37.49 -10.17
CA CYS D 152 2.82 38.45 -9.77
C CYS D 152 1.76 38.53 -10.86
N GLY D 153 0.53 38.80 -10.43
CA GLY D 153 -0.56 39.10 -11.34
C GLY D 153 -1.53 40.13 -10.78
N VAL D 154 -1.94 41.05 -11.62
CA VAL D 154 -2.88 42.09 -11.22
C VAL D 154 -4.30 41.58 -11.38
N ILE D 155 -5.15 41.84 -10.38
CA ILE D 155 -6.58 41.65 -10.46
C ILE D 155 -7.20 43.03 -10.71
N GLU D 156 -7.65 43.28 -11.93
CA GLU D 156 -8.13 44.62 -12.28
C GLU D 156 -9.43 44.95 -11.53
N LYS D 157 -9.69 46.25 -11.37
CA LYS D 157 -10.90 46.68 -10.68
C LYS D 157 -12.15 46.17 -11.38
N LEU D 158 -12.09 46.03 -12.70
CA LEU D 158 -13.20 45.63 -13.54
C LEU D 158 -12.74 44.52 -14.48
N GLU D 159 -13.70 43.95 -15.19
CA GLU D 159 -13.40 42.97 -16.22
C GLU D 159 -14.22 43.36 -17.46
N GLU E 1 -4.73 -5.47 23.51
CA GLU E 1 -5.37 -5.28 22.18
C GLU E 1 -6.82 -4.80 22.35
N ASN E 2 -7.49 -4.61 21.21
CA ASN E 2 -8.88 -4.14 21.18
C ASN E 2 -9.80 -5.36 21.26
N THR E 3 -10.32 -5.63 22.46
CA THR E 3 -11.24 -6.74 22.67
C THR E 3 -12.53 -6.24 23.30
N LEU E 4 -13.59 -7.03 23.11
CA LEU E 4 -14.86 -6.90 23.81
C LEU E 4 -15.06 -8.19 24.62
N THR E 5 -15.55 -8.08 25.85
CA THR E 5 -15.97 -9.23 26.63
C THR E 5 -17.46 -9.11 26.88
N VAL E 6 -18.22 -10.13 26.47
CA VAL E 6 -19.68 -10.13 26.56
C VAL E 6 -20.10 -11.18 27.58
N LYS E 7 -20.67 -10.74 28.69
CA LYS E 7 -21.19 -11.70 29.66
C LYS E 7 -22.49 -12.29 29.13
N MET E 8 -22.62 -13.61 29.20
CA MET E 8 -23.76 -14.32 28.69
C MET E 8 -24.53 -14.95 29.84
N ASN E 9 -25.85 -14.82 29.81
CA ASN E 9 -26.72 -15.43 30.80
C ASN E 9 -27.79 -16.25 30.12
N ASP E 10 -28.22 -17.29 30.80
CA ASP E 10 -29.42 -18.00 30.37
C ASP E 10 -30.58 -17.00 30.22
N ALA E 11 -31.42 -17.27 29.24
CA ALA E 11 -32.65 -16.53 29.02
C ALA E 11 -33.84 -17.41 29.38
N LEU E 12 -34.61 -16.99 30.38
CA LEU E 12 -35.78 -17.70 30.86
C LEU E 12 -37.04 -16.96 30.43
N SER E 13 -38.16 -17.67 30.46
CA SER E 13 -39.44 -16.99 30.26
C SER E 13 -39.64 -15.85 31.25
N SER E 14 -39.09 -15.97 32.46
CA SER E 14 -39.27 -15.00 33.53
C SER E 14 -38.15 -13.97 33.60
N GLY E 15 -37.17 -14.05 32.71
CA GLY E 15 -36.08 -13.10 32.70
C GLY E 15 -34.69 -13.70 32.66
N THR E 16 -33.77 -13.02 33.32
CA THR E 16 -32.36 -13.40 33.34
C THR E 16 -32.10 -14.60 34.24
N GLY E 17 -31.45 -15.61 33.66
CA GLY E 17 -31.05 -16.81 34.36
C GLY E 17 -29.63 -16.75 34.86
N GLU E 18 -29.05 -17.92 35.10
CA GLU E 18 -27.71 -18.01 35.63
C GLU E 18 -26.70 -17.49 34.60
N ASN E 19 -25.62 -16.93 35.12
CA ASN E 19 -24.49 -16.62 34.25
C ASN E 19 -23.85 -17.90 33.77
N ILE E 20 -23.51 -17.95 32.48
CA ILE E 20 -22.89 -19.12 31.88
C ILE E 20 -21.51 -18.79 31.32
N GLY E 21 -20.95 -17.65 31.69
CA GLY E 21 -19.62 -17.29 31.28
C GLY E 21 -19.61 -16.05 30.43
N GLU E 22 -18.62 -15.98 29.55
CA GLU E 22 -18.42 -14.82 28.72
C GLU E 22 -17.89 -15.28 27.36
N ILE E 23 -18.08 -14.41 26.39
CA ILE E 23 -17.50 -14.55 25.06
C ILE E 23 -16.60 -13.36 24.83
N THR E 24 -15.36 -13.63 24.41
CA THR E 24 -14.41 -12.58 24.07
C THR E 24 -14.33 -12.43 22.56
N VAL E 25 -14.55 -11.21 22.08
CA VAL E 25 -14.50 -10.88 20.67
C VAL E 25 -13.23 -10.08 20.42
N SER E 26 -12.43 -10.54 19.48
CA SER E 26 -11.19 -9.87 19.08
C SER E 26 -11.24 -9.58 17.59
N GLU E 27 -10.46 -8.59 17.19
CA GLU E 27 -10.33 -8.26 15.77
C GLU E 27 -9.12 -8.99 15.21
N THR E 28 -9.29 -9.58 14.03
CA THR E 28 -8.22 -10.20 13.26
C THR E 28 -8.23 -9.73 11.82
N PRO E 29 -7.16 -10.00 11.07
CA PRO E 29 -7.14 -9.67 9.63
C PRO E 29 -8.19 -10.41 8.81
N TYR E 30 -8.82 -11.46 9.37
CA TYR E 30 -9.76 -12.32 8.69
C TYR E 30 -11.19 -12.06 9.13
N GLY E 31 -11.40 -11.13 10.05
CA GLY E 31 -12.70 -10.85 10.63
C GLY E 31 -12.67 -10.95 12.14
N LEU E 32 -13.87 -10.76 12.73
CA LEU E 32 -13.99 -10.83 14.17
C LEU E 32 -13.97 -12.29 14.62
N LEU E 33 -13.21 -12.53 15.69
CA LEU E 33 -13.10 -13.84 16.31
C LEU E 33 -13.88 -13.85 17.62
N PHE E 34 -14.78 -14.81 17.75
CA PHE E 34 -15.57 -14.98 18.96
C PHE E 34 -15.06 -16.19 19.72
N THR E 35 -14.42 -15.95 20.85
CA THR E 35 -13.84 -17.02 21.64
C THR E 35 -14.71 -17.25 22.87
N PRO E 36 -15.51 -18.30 22.91
CA PRO E 36 -16.36 -18.52 24.09
C PRO E 36 -15.57 -19.07 25.26
N HIS E 37 -16.05 -18.72 26.44
CA HIS E 37 -15.68 -19.41 27.68
C HIS E 37 -16.96 -19.70 28.47
N LEU E 38 -17.75 -20.64 27.98
CA LEU E 38 -19.09 -20.88 28.48
C LEU E 38 -19.21 -22.27 29.11
N ASN E 39 -20.20 -22.39 29.98
CA ASN E 39 -20.55 -23.67 30.58
C ASN E 39 -22.07 -23.80 30.60
N GLY E 40 -22.56 -25.00 30.89
CA GLY E 40 -23.98 -25.16 31.07
C GLY E 40 -24.84 -25.24 29.83
N LEU E 41 -24.28 -25.62 28.68
CA LEU E 41 -25.04 -25.74 27.44
C LEU E 41 -25.23 -27.20 27.04
N THR E 42 -26.24 -27.45 26.20
CA THR E 42 -26.44 -28.81 25.72
C THR E 42 -25.37 -29.12 24.66
N PRO E 43 -24.73 -30.27 24.73
CA PRO E 43 -23.70 -30.60 23.73
C PRO E 43 -24.25 -30.49 22.31
N GLY E 44 -23.41 -30.03 21.40
CA GLY E 44 -23.81 -29.95 20.03
C GLY E 44 -23.58 -28.58 19.45
N ILE E 45 -24.16 -28.35 18.30
CA ILE E 45 -23.99 -27.10 17.57
C ILE E 45 -25.22 -26.23 17.81
N HIS E 46 -25.00 -24.99 18.22
CA HIS E 46 -26.08 -24.07 18.53
C HIS E 46 -26.06 -22.85 17.63
N GLY E 47 -27.25 -22.47 17.15
CA GLY E 47 -27.37 -21.20 16.47
C GLY E 47 -26.84 -20.05 17.32
N PHE E 48 -26.07 -19.18 16.70
CA PHE E 48 -25.30 -18.13 17.36
C PHE E 48 -25.37 -16.89 16.47
N HIS E 49 -26.01 -15.83 16.97
CA HIS E 49 -26.19 -14.66 16.11
C HIS E 49 -26.14 -13.37 16.90
N VAL E 50 -25.80 -12.30 16.19
CA VAL E 50 -25.96 -10.92 16.65
C VAL E 50 -27.38 -10.49 16.36
N HIS E 51 -28.08 -9.98 17.38
CA HIS E 51 -29.43 -9.47 17.23
C HIS E 51 -29.38 -7.94 17.38
N THR E 52 -30.45 -7.31 16.89
CA THR E 52 -30.43 -5.87 16.66
C THR E 52 -30.43 -5.07 17.97
N ASN E 53 -31.26 -5.44 18.94
CA ASN E 53 -31.45 -4.54 20.09
C ASN E 53 -30.50 -4.87 21.23
N PRO E 54 -30.02 -3.85 21.96
CA PRO E 54 -29.21 -4.07 23.17
C PRO E 54 -30.06 -4.43 24.37
N SER E 55 -30.76 -5.54 24.26
CA SER E 55 -31.65 -6.02 25.31
C SER E 55 -31.77 -7.54 25.25
N CYS E 56 -31.83 -8.15 26.44
CA CYS E 56 -32.15 -9.56 26.57
C CYS E 56 -33.49 -9.78 27.29
N MET E 57 -34.33 -8.74 27.36
CA MET E 57 -35.54 -8.80 28.16
C MET E 57 -36.57 -9.74 27.51
N PRO E 58 -37.39 -10.40 28.33
CA PRO E 58 -38.40 -11.31 27.79
C PRO E 58 -39.66 -10.59 27.33
N GLY E 59 -40.50 -11.32 26.62
CA GLY E 59 -41.82 -10.79 26.30
C GLY E 59 -42.76 -11.92 25.96
N MET E 60 -44.02 -11.55 25.74
N MET E 60 -44.02 -11.56 25.71
CA MET E 60 -45.08 -12.49 25.40
CA MET E 60 -45.06 -12.55 25.43
C MET E 60 -45.45 -12.35 23.94
C MET E 60 -45.56 -12.37 24.01
N LYS E 61 -45.68 -13.48 23.28
CA LYS E 61 -46.21 -13.45 21.92
C LYS E 61 -47.16 -14.62 21.73
N ASP E 62 -48.36 -14.30 21.25
CA ASP E 62 -49.43 -15.27 21.05
C ASP E 62 -49.71 -16.07 22.30
N GLY E 63 -49.62 -15.41 23.45
CA GLY E 63 -49.99 -15.99 24.72
C GLY E 63 -48.94 -16.84 25.36
N LYS E 64 -47.75 -16.92 24.78
CA LYS E 64 -46.65 -17.72 25.29
C LYS E 64 -45.41 -16.85 25.52
N GLU E 65 -44.75 -17.09 26.63
CA GLU E 65 -43.52 -16.37 26.94
C GLU E 65 -42.44 -16.68 25.91
N VAL E 66 -41.68 -15.65 25.57
CA VAL E 66 -40.54 -15.79 24.67
C VAL E 66 -39.29 -15.24 25.35
N PRO E 67 -38.41 -16.11 25.81
CA PRO E 67 -37.14 -15.63 26.37
C PRO E 67 -36.41 -14.73 25.38
N ALA E 68 -35.96 -13.58 25.90
CA ALA E 68 -35.10 -12.64 25.18
C ALA E 68 -35.77 -12.10 23.92
N LEU E 69 -37.09 -12.05 23.92
CA LEU E 69 -37.82 -11.46 22.80
C LEU E 69 -37.33 -10.06 22.45
N MET E 70 -36.98 -9.26 23.46
CA MET E 70 -36.71 -7.85 23.22
C MET E 70 -35.36 -7.59 22.54
N ALA E 71 -34.56 -8.64 22.30
CA ALA E 71 -33.36 -8.51 21.49
C ALA E 71 -33.69 -8.21 20.04
N GLY E 72 -34.91 -8.47 19.62
CA GLY E 72 -35.29 -8.35 18.23
C GLY E 72 -34.77 -9.47 17.35
N GLY E 73 -34.68 -9.16 16.06
CA GLY E 73 -34.22 -10.10 15.06
C GLY E 73 -32.73 -10.04 14.86
N HIS E 74 -32.27 -10.86 13.91
CA HIS E 74 -30.85 -10.87 13.57
C HIS E 74 -30.43 -9.51 12.99
N LEU E 75 -29.25 -9.07 13.40
CA LEU E 75 -28.64 -7.85 12.91
C LEU E 75 -28.59 -7.85 11.39
N ASP E 76 -29.28 -6.88 10.77
CA ASP E 76 -29.51 -6.91 9.32
C ASP E 76 -29.54 -5.49 8.77
N PRO E 77 -28.45 -4.73 8.89
CA PRO E 77 -28.51 -3.32 8.49
C PRO E 77 -28.88 -3.11 7.03
N GLU E 78 -28.61 -4.09 6.17
CA GLU E 78 -28.93 -4.01 4.76
C GLU E 78 -30.34 -4.48 4.45
N LYS E 79 -31.11 -4.86 5.47
CA LYS E 79 -32.51 -5.21 5.29
C LYS E 79 -32.68 -6.38 4.32
N THR E 80 -31.80 -7.38 4.44
CA THR E 80 -31.87 -8.51 3.52
C THR E 80 -33.14 -9.34 3.72
N GLY E 81 -33.61 -9.46 4.96
CA GLY E 81 -34.69 -10.39 5.22
C GLY E 81 -34.33 -11.84 4.96
N LYS E 82 -33.04 -12.15 4.92
CA LYS E 82 -32.56 -13.45 4.50
C LYS E 82 -31.52 -13.97 5.50
N HIS E 83 -31.73 -15.18 5.97
CA HIS E 83 -30.79 -15.86 6.86
C HIS E 83 -29.95 -16.84 6.05
N LEU E 84 -28.70 -16.45 5.78
CA LEU E 84 -27.82 -17.25 4.92
C LEU E 84 -26.48 -17.59 5.56
N GLY E 85 -26.29 -17.29 6.83
CA GLY E 85 -25.08 -17.75 7.50
C GLY E 85 -23.90 -16.82 7.36
N PRO E 86 -22.78 -17.22 7.97
CA PRO E 86 -21.65 -16.29 8.13
C PRO E 86 -20.77 -16.12 6.91
N TYR E 87 -20.97 -16.93 5.87
CA TYR E 87 -20.10 -16.90 4.69
C TYR E 87 -20.82 -16.38 3.45
N ASN E 88 -22.00 -15.79 3.60
CA ASN E 88 -22.81 -15.31 2.47
C ASN E 88 -23.27 -13.88 2.74
N ASP E 89 -22.79 -12.93 1.93
CA ASP E 89 -23.02 -11.51 2.18
C ASP E 89 -24.41 -11.02 1.75
N LYS E 90 -25.24 -11.89 1.20
CA LYS E 90 -26.61 -11.51 0.86
C LYS E 90 -27.55 -11.68 2.04
N GLY E 91 -27.02 -12.05 3.21
CA GLY E 91 -27.82 -12.39 4.36
C GLY E 91 -27.52 -11.50 5.55
N HIS E 92 -28.28 -11.75 6.64
CA HIS E 92 -28.08 -11.03 7.89
C HIS E 92 -26.61 -10.93 8.19
N LEU E 93 -26.11 -9.71 8.37
CA LEU E 93 -24.76 -9.48 8.85
C LEU E 93 -24.52 -10.12 10.22
N GLY E 94 -25.57 -10.27 11.03
CA GLY E 94 -25.47 -10.86 12.35
C GLY E 94 -25.31 -12.35 12.39
N ASP E 95 -25.37 -13.00 11.23
CA ASP E 95 -25.29 -14.47 11.15
C ASP E 95 -23.86 -14.94 11.45
N LEU E 96 -23.62 -15.59 12.59
CA LEU E 96 -22.30 -16.08 12.99
C LEU E 96 -22.23 -17.59 12.79
N PRO E 97 -21.03 -18.17 12.86
CA PRO E 97 -20.94 -19.63 12.76
C PRO E 97 -21.58 -20.28 13.97
N GLY E 98 -22.06 -21.50 13.76
CA GLY E 98 -22.63 -22.26 14.85
C GLY E 98 -21.68 -22.36 16.01
N LEU E 99 -22.22 -22.23 17.21
CA LEU E 99 -21.44 -22.31 18.43
C LEU E 99 -21.29 -23.78 18.81
N VAL E 100 -20.05 -24.20 19.05
CA VAL E 100 -19.70 -25.59 19.29
C VAL E 100 -19.64 -25.83 20.79
N VAL E 101 -20.48 -26.74 21.28
CA VAL E 101 -20.52 -27.10 22.69
C VAL E 101 -20.00 -28.52 22.84
N ASN E 102 -19.04 -28.68 23.74
CA ASN E 102 -18.38 -29.94 24.04
C ASN E 102 -19.32 -30.88 24.82
N ALA E 103 -18.91 -32.15 24.91
CA ALA E 103 -19.73 -33.13 25.61
C ALA E 103 -20.01 -32.76 27.05
N ASP E 104 -19.08 -32.08 27.70
CA ASP E 104 -19.23 -31.67 29.10
C ASP E 104 -20.03 -30.38 29.25
N GLY E 105 -20.61 -29.86 28.15
CA GLY E 105 -21.46 -28.68 28.21
C GLY E 105 -20.74 -27.35 28.15
N THR E 106 -19.41 -27.35 28.06
CA THR E 106 -18.65 -26.12 27.91
C THR E 106 -18.53 -25.77 26.43
N ALA E 107 -18.32 -24.48 26.16
CA ALA E 107 -18.01 -23.99 24.83
C ALA E 107 -16.71 -23.21 24.91
N THR E 108 -15.73 -23.65 24.13
CA THR E 108 -14.40 -23.06 24.08
C THR E 108 -13.87 -22.87 22.67
N TYR E 109 -14.44 -23.51 21.67
CA TYR E 109 -13.91 -23.48 20.29
C TYR E 109 -14.08 -22.10 19.66
N PRO E 110 -13.01 -21.47 19.18
CA PRO E 110 -13.13 -20.12 18.63
C PRO E 110 -13.83 -20.12 17.28
N LEU E 111 -14.62 -19.06 17.05
CA LEU E 111 -15.50 -18.96 15.89
C LEU E 111 -15.19 -17.67 15.14
N LEU E 112 -14.84 -17.80 13.87
CA LEU E 112 -14.48 -16.66 13.02
C LEU E 112 -15.67 -16.23 12.17
N ALA E 113 -16.01 -14.94 12.24
CA ALA E 113 -17.09 -14.34 11.47
C ALA E 113 -16.45 -13.40 10.45
N PRO E 114 -16.13 -13.87 9.24
CA PRO E 114 -15.29 -13.07 8.35
C PRO E 114 -15.98 -11.85 7.75
N ARG E 115 -17.32 -11.78 7.79
CA ARG E 115 -18.06 -10.65 7.23
C ARG E 115 -18.02 -9.42 8.14
N LEU E 116 -17.70 -9.60 9.42
CA LEU E 116 -17.61 -8.53 10.40
C LEU E 116 -16.16 -8.13 10.60
N LYS E 117 -15.88 -6.83 10.50
CA LYS E 117 -14.53 -6.30 10.49
C LYS E 117 -14.15 -5.49 11.71
N SER E 118 -15.13 -4.90 12.40
CA SER E 118 -14.87 -3.99 13.48
C SER E 118 -15.82 -4.26 14.64
N LEU E 119 -15.27 -4.18 15.85
CA LEU E 119 -16.07 -4.31 17.05
C LEU E 119 -17.18 -3.26 17.09
N SER E 120 -16.93 -2.11 16.48
CA SER E 120 -17.94 -1.05 16.43
C SER E 120 -19.21 -1.52 15.75
N GLU E 121 -19.14 -2.54 14.89
CA GLU E 121 -20.34 -3.07 14.29
C GLU E 121 -21.19 -3.80 15.31
N LEU E 122 -20.64 -4.11 16.47
CA LEU E 122 -21.37 -4.85 17.48
C LEU E 122 -21.95 -3.96 18.57
N LYS E 123 -21.34 -2.80 18.81
CA LYS E 123 -21.75 -1.95 19.93
C LYS E 123 -23.21 -1.57 19.76
N GLY E 124 -23.96 -1.67 20.87
CA GLY E 124 -25.39 -1.42 20.80
C GLY E 124 -26.23 -2.56 20.28
N HIS E 125 -25.73 -3.78 20.31
CA HIS E 125 -26.49 -4.94 19.83
C HIS E 125 -26.41 -6.02 20.90
N SER E 126 -26.83 -7.23 20.57
CA SER E 126 -26.88 -8.32 21.53
C SER E 126 -26.38 -9.59 20.86
N LEU E 127 -25.87 -10.51 21.67
CA LEU E 127 -25.42 -11.82 21.22
C LEU E 127 -26.38 -12.89 21.74
N MET E 128 -26.73 -13.85 20.90
CA MET E 128 -27.76 -14.84 21.20
C MET E 128 -27.27 -16.25 20.91
N ILE E 129 -27.52 -17.16 21.84
CA ILE E 129 -27.33 -18.59 21.65
C ILE E 129 -28.69 -19.26 21.66
N HIS E 130 -28.99 -20.02 20.60
CA HIS E 130 -30.26 -20.69 20.47
C HIS E 130 -30.17 -22.15 20.94
N LYS E 131 -31.34 -22.70 21.24
CA LYS E 131 -31.45 -24.10 21.59
C LYS E 131 -31.08 -25.01 20.42
N GLY E 132 -31.55 -24.65 19.22
CA GLY E 132 -31.32 -25.45 18.05
C GLY E 132 -30.01 -25.11 17.37
N GLY E 133 -29.81 -25.75 16.22
CA GLY E 133 -28.64 -25.55 15.40
C GLY E 133 -28.81 -24.41 14.42
N ASP E 134 -28.01 -24.47 13.35
CA ASP E 134 -28.06 -23.46 12.30
C ASP E 134 -27.53 -24.09 11.01
N ASN E 135 -28.42 -24.31 10.06
CA ASN E 135 -28.02 -24.79 8.74
C ASN E 135 -27.80 -23.64 7.77
N TYR E 136 -27.72 -22.40 8.28
CA TYR E 136 -27.38 -21.23 7.50
C TYR E 136 -28.39 -21.01 6.38
N SER E 137 -29.66 -21.30 6.64
CA SER E 137 -30.67 -21.00 5.64
C SER E 137 -32.04 -20.84 6.30
N ASP E 138 -32.99 -20.35 5.50
CA ASP E 138 -34.37 -20.17 5.95
C ASP E 138 -35.23 -21.39 5.65
N LYS E 139 -34.64 -22.47 5.14
CA LYS E 139 -35.35 -23.72 4.89
C LYS E 139 -34.55 -24.91 5.42
N PRO E 140 -35.22 -25.89 6.02
CA PRO E 140 -36.68 -26.00 6.16
C PRO E 140 -37.33 -25.14 7.24
N ALA E 141 -36.50 -24.41 8.00
CA ALA E 141 -37.00 -23.58 9.08
C ALA E 141 -36.43 -22.18 9.01
N PRO E 142 -37.22 -21.16 9.34
CA PRO E 142 -36.68 -19.80 9.33
C PRO E 142 -35.53 -19.65 10.31
N LEU E 143 -34.59 -18.78 9.97
CA LEU E 143 -33.48 -18.38 10.83
C LEU E 143 -32.59 -19.56 11.20
N GLY E 144 -32.55 -20.57 10.34
CA GLY E 144 -31.61 -21.67 10.46
C GLY E 144 -32.06 -22.82 11.34
N GLY E 145 -33.27 -22.75 11.88
CA GLY E 145 -33.75 -23.79 12.76
C GLY E 145 -33.23 -23.69 14.17
N GLY E 146 -32.77 -22.50 14.56
CA GLY E 146 -32.25 -22.30 15.91
C GLY E 146 -33.33 -22.22 16.96
N GLY E 147 -34.52 -21.80 16.56
CA GLY E 147 -35.64 -21.95 17.47
C GLY E 147 -35.48 -21.00 18.66
N ALA E 148 -35.83 -21.51 19.83
CA ALA E 148 -35.94 -20.63 20.98
C ALA E 148 -34.57 -20.13 21.40
N ARG E 149 -34.59 -18.99 22.08
CA ARG E 149 -33.41 -18.31 22.61
C ARG E 149 -33.04 -18.89 23.96
N PHE E 150 -31.85 -19.47 24.05
CA PHE E 150 -31.38 -20.14 25.25
C PHE E 150 -30.54 -19.24 26.14
N ALA E 151 -29.69 -18.38 25.54
CA ALA E 151 -28.82 -17.51 26.31
C ALA E 151 -28.55 -16.24 25.52
N CYS E 152 -28.23 -15.16 26.25
CA CYS E 152 -28.22 -13.82 25.67
C CYS E 152 -27.23 -12.95 26.44
N GLY E 153 -26.60 -12.04 25.72
CA GLY E 153 -25.77 -11.03 26.34
C GLY E 153 -25.84 -9.69 25.61
N VAL E 154 -25.88 -8.60 26.32
CA VAL E 154 -25.91 -7.30 25.67
C VAL E 154 -24.49 -6.81 25.46
N ILE E 155 -24.26 -6.27 24.27
CA ILE E 155 -23.01 -5.58 23.93
C ILE E 155 -23.25 -4.07 24.11
N GLU E 156 -22.70 -3.49 25.16
CA GLU E 156 -22.97 -2.08 25.51
C GLU E 156 -24.47 -1.94 25.82
N GLU F 1 1.65 13.73 -28.72
CA GLU F 1 2.72 12.88 -28.12
C GLU F 1 3.73 13.78 -27.44
N ASN F 2 4.80 13.17 -26.94
CA ASN F 2 5.92 13.90 -26.36
C ASN F 2 7.14 13.00 -26.38
N THR F 3 7.79 12.88 -27.53
CA THR F 3 9.05 12.15 -27.61
C THR F 3 10.04 12.92 -28.46
N LEU F 4 11.32 12.77 -28.13
CA LEU F 4 12.42 13.36 -28.88
C LEU F 4 13.31 12.22 -29.34
N THR F 5 13.84 12.35 -30.56
CA THR F 5 14.76 11.37 -31.09
C THR F 5 16.10 12.06 -31.28
N VAL F 6 17.13 11.56 -30.60
CA VAL F 6 18.46 12.14 -30.66
C VAL F 6 19.35 11.22 -31.48
N LYS F 7 19.79 11.69 -32.65
CA LYS F 7 20.81 10.98 -33.40
C LYS F 7 22.15 11.07 -32.68
N MET F 8 22.83 9.94 -32.53
CA MET F 8 24.12 9.87 -31.87
C MET F 8 25.19 9.51 -32.87
N ASN F 9 26.29 10.26 -32.86
CA ASN F 9 27.40 10.06 -33.77
C ASN F 9 28.69 9.87 -33.00
N ASP F 10 29.53 8.97 -33.51
CA ASP F 10 30.89 8.84 -33.01
C ASP F 10 31.59 10.19 -32.99
N ALA F 11 32.21 10.51 -31.86
CA ALA F 11 32.75 11.84 -31.63
C ALA F 11 34.12 12.07 -32.26
N LEU F 12 34.80 11.02 -32.72
CA LEU F 12 36.11 11.19 -33.36
C LEU F 12 35.94 12.03 -34.62
N GLY F 17 30.77 12.33 -36.74
CA GLY F 17 31.30 11.07 -37.25
C GLY F 17 30.20 10.11 -37.67
N GLU F 18 30.54 8.83 -37.82
CA GLU F 18 29.55 7.86 -38.26
C GLU F 18 28.43 7.77 -37.23
N ASN F 19 27.22 7.53 -37.73
CA ASN F 19 26.06 7.40 -36.87
C ASN F 19 26.01 6.01 -36.25
N ILE F 20 25.81 5.97 -34.94
CA ILE F 20 25.76 4.72 -34.19
C ILE F 20 24.33 4.41 -33.72
N GLY F 21 23.35 5.17 -34.18
CA GLY F 21 21.95 4.94 -33.86
C GLY F 21 21.29 6.17 -33.28
N GLU F 22 20.20 5.93 -32.55
CA GLU F 22 19.39 6.99 -31.99
C GLU F 22 19.07 6.62 -30.55
N ILE F 23 18.75 7.65 -29.76
CA ILE F 23 18.16 7.46 -28.44
C ILE F 23 16.82 8.17 -28.45
N THR F 24 15.76 7.48 -28.03
CA THR F 24 14.44 8.11 -27.96
C THR F 24 14.12 8.43 -26.51
N VAL F 25 13.77 9.68 -26.26
CA VAL F 25 13.44 10.19 -24.93
C VAL F 25 11.94 10.43 -24.84
N SER F 26 11.32 9.87 -23.80
CA SER F 26 9.90 10.03 -23.54
C SER F 26 9.68 10.48 -22.11
N GLU F 27 8.52 11.09 -21.89
CA GLU F 27 8.08 11.50 -20.57
C GLU F 27 7.23 10.39 -19.94
N THR F 28 7.50 10.11 -18.67
CA THR F 28 6.73 9.17 -17.88
C THR F 28 6.29 9.84 -16.60
N PRO F 29 5.36 9.22 -15.86
CA PRO F 29 5.02 9.74 -14.53
C PRO F 29 6.20 9.73 -13.56
N TYR F 30 7.30 9.07 -13.93
CA TYR F 30 8.44 8.84 -13.04
C TYR F 30 9.66 9.63 -13.43
N GLY F 31 9.60 10.33 -14.54
CA GLY F 31 10.74 11.01 -15.12
C GLY F 31 10.94 10.63 -16.57
N LEU F 32 12.00 11.17 -17.13
CA LEU F 32 12.29 10.93 -18.55
C LEU F 32 12.92 9.56 -18.73
N LEU F 33 12.43 8.86 -19.74
CA LEU F 33 12.93 7.55 -20.11
C LEU F 33 13.74 7.68 -21.39
N PHE F 34 14.99 7.23 -21.33
CA PHE F 34 15.90 7.23 -22.47
C PHE F 34 15.97 5.80 -22.99
N THR F 35 15.40 5.57 -24.16
CA THR F 35 15.44 4.23 -24.74
C THR F 35 16.44 4.19 -25.89
N PRO F 36 17.59 3.54 -25.72
CA PRO F 36 18.58 3.51 -26.79
C PRO F 36 18.26 2.50 -27.86
N HIS F 37 18.69 2.83 -29.10
CA HIS F 37 18.70 1.90 -30.22
C HIS F 37 20.04 2.14 -30.93
N LEU F 38 21.12 1.74 -30.26
CA LEU F 38 22.48 1.99 -30.68
C LEU F 38 23.21 0.71 -31.05
N ASN F 39 24.27 0.87 -31.84
CA ASN F 39 25.16 -0.22 -32.20
C ASN F 39 26.61 0.25 -32.20
N GLY F 40 27.52 -0.71 -32.14
CA GLY F 40 28.94 -0.43 -32.28
C GLY F 40 29.64 0.06 -31.03
N LEU F 41 29.16 -0.29 -29.85
CA LEU F 41 29.74 0.17 -28.60
C LEU F 41 30.45 -0.99 -27.92
N THR F 42 31.40 -0.66 -27.04
CA THR F 42 32.08 -1.71 -26.29
C THR F 42 31.16 -2.25 -25.21
N PRO F 43 31.02 -3.58 -25.07
CA PRO F 43 30.10 -4.11 -24.05
C PRO F 43 30.44 -3.60 -22.66
N GLY F 44 29.42 -3.45 -21.84
CA GLY F 44 29.55 -2.95 -20.48
C GLY F 44 28.75 -1.69 -20.25
N ILE F 45 29.10 -1.02 -19.16
CA ILE F 45 28.40 0.19 -18.73
C ILE F 45 29.21 1.39 -19.16
N HIS F 46 28.54 2.37 -19.79
CA HIS F 46 29.16 3.60 -20.22
C HIS F 46 28.55 4.81 -19.53
N GLY F 47 29.40 5.73 -19.10
CA GLY F 47 28.93 7.03 -18.66
C GLY F 47 28.01 7.68 -19.68
N PHE F 48 26.91 8.25 -19.22
CA PHE F 48 25.85 8.77 -20.07
C PHE F 48 25.30 10.01 -19.39
N HIS F 49 25.50 11.18 -20.01
CA HIS F 49 25.20 12.46 -19.37
C HIS F 49 24.64 13.47 -20.39
N VAL F 50 23.73 14.33 -19.89
CA VAL F 50 23.39 15.58 -20.57
C VAL F 50 24.50 16.59 -20.33
N HIS F 51 25.03 17.16 -21.41
CA HIS F 51 26.04 18.21 -21.29
C HIS F 51 25.43 19.57 -21.65
N THR F 52 26.09 20.62 -21.17
CA THR F 52 25.48 21.94 -21.14
C THR F 52 25.22 22.51 -22.53
N ASN F 53 26.22 22.39 -23.45
CA ASN F 53 26.18 23.17 -24.69
C ASN F 53 25.61 22.36 -25.84
N PRO F 54 24.92 23.06 -26.75
CA PRO F 54 24.35 22.43 -27.95
C PRO F 54 25.39 22.23 -29.04
N SER F 55 26.41 21.44 -28.75
CA SER F 55 27.48 21.21 -29.71
C SER F 55 28.17 19.89 -29.41
N CYS F 56 28.58 19.21 -30.48
CA CYS F 56 29.40 18.02 -30.39
C CYS F 56 30.77 18.26 -31.03
N MET F 57 31.14 19.53 -31.22
CA MET F 57 32.34 19.87 -31.95
C MET F 57 33.57 19.65 -31.08
N PRO F 58 34.70 19.36 -31.70
CA PRO F 58 35.91 19.07 -30.92
C PRO F 58 36.54 20.36 -30.42
N GLY F 59 37.29 20.18 -29.33
CA GLY F 59 38.18 21.18 -28.81
C GLY F 59 39.62 20.71 -28.96
N MET F 60 40.50 21.40 -28.24
N MET F 60 40.49 21.41 -28.24
CA MET F 60 41.92 21.13 -28.35
CA MET F 60 41.92 21.17 -28.36
C MET F 60 42.57 21.40 -27.01
C MET F 60 42.57 21.41 -27.01
N LYS F 61 43.50 20.53 -26.64
CA LYS F 61 44.32 20.70 -25.46
C LYS F 61 45.74 20.28 -25.84
N ASP F 62 46.67 21.23 -25.79
CA ASP F 62 48.06 21.00 -26.18
C ASP F 62 48.16 20.39 -27.59
N GLY F 63 47.38 20.95 -28.52
CA GLY F 63 47.44 20.59 -29.92
C GLY F 63 46.72 19.33 -30.31
N LYS F 64 46.21 18.58 -29.34
CA LYS F 64 45.51 17.33 -29.62
C LYS F 64 44.01 17.56 -29.60
N GLU F 65 43.34 17.00 -30.60
CA GLU F 65 41.89 17.03 -30.67
C GLU F 65 41.30 16.40 -29.43
N VAL F 66 40.27 17.03 -28.89
CA VAL F 66 39.51 16.49 -27.77
C VAL F 66 38.08 16.31 -28.24
N PRO F 67 37.66 15.08 -28.54
CA PRO F 67 36.34 14.87 -29.14
C PRO F 67 35.24 15.46 -28.27
N ALA F 68 34.39 16.26 -28.90
CA ALA F 68 33.15 16.77 -28.33
C ALA F 68 33.39 17.65 -27.11
N LEU F 69 34.58 18.26 -27.01
CA LEU F 69 34.82 19.15 -25.88
C LEU F 69 33.87 20.34 -25.89
N MET F 70 33.39 20.76 -27.08
CA MET F 70 32.54 21.93 -27.13
C MET F 70 31.16 21.71 -26.51
N ALA F 71 30.78 20.46 -26.22
CA ALA F 71 29.56 20.23 -25.45
C ALA F 71 29.68 20.77 -24.03
N GLY F 72 30.87 21.08 -23.58
CA GLY F 72 31.04 21.58 -22.25
C GLY F 72 30.95 20.46 -21.21
N GLY F 73 30.60 20.85 -19.99
CA GLY F 73 30.51 19.93 -18.87
C GLY F 73 29.12 19.36 -18.68
N HIS F 74 28.98 18.60 -17.60
CA HIS F 74 27.69 18.02 -17.27
C HIS F 74 26.70 19.13 -16.94
N LEU F 75 25.49 19.01 -17.46
CA LEU F 75 24.47 20.03 -17.22
C LEU F 75 24.29 20.22 -15.72
N ASP F 76 24.43 21.49 -15.27
CA ASP F 76 24.50 21.76 -13.84
C ASP F 76 23.94 23.15 -13.52
N PRO F 77 22.65 23.38 -13.78
CA PRO F 77 22.08 24.72 -13.54
C PRO F 77 22.13 25.16 -12.09
N GLU F 78 22.25 24.24 -11.13
CA GLU F 78 22.28 24.59 -9.73
C GLU F 78 23.69 24.84 -9.23
N LYS F 79 24.70 24.76 -10.12
CA LYS F 79 26.10 24.97 -9.76
C LYS F 79 26.48 24.14 -8.53
N THR F 80 26.10 22.88 -8.54
CA THR F 80 26.54 21.99 -7.47
C THR F 80 28.03 21.71 -7.57
N GLY F 81 28.58 21.64 -8.78
CA GLY F 81 29.95 21.26 -8.98
C GLY F 81 30.29 19.83 -8.61
N LYS F 82 29.31 18.95 -8.48
CA LYS F 82 29.56 17.59 -8.03
C LYS F 82 28.84 16.59 -8.92
N HIS F 83 29.53 15.49 -9.21
CA HIS F 83 28.97 14.38 -9.95
C HIS F 83 28.49 13.32 -8.96
N LEU F 84 27.16 13.16 -8.84
CA LEU F 84 26.60 12.21 -7.88
C LEU F 84 25.54 11.31 -8.50
N GLY F 85 25.36 11.36 -9.81
CA GLY F 85 24.48 10.44 -10.48
C GLY F 85 23.01 10.82 -10.54
N PRO F 86 22.22 9.92 -11.12
CA PRO F 86 20.83 10.27 -11.47
C PRO F 86 19.84 10.21 -10.32
N TYR F 87 20.25 9.75 -9.14
CA TYR F 87 19.36 9.59 -7.99
C TYR F 87 19.76 10.48 -6.81
N ASN F 88 20.55 11.52 -7.05
CA ASN F 88 21.04 12.39 -5.98
C ASN F 88 20.95 13.83 -6.46
N ASP F 89 20.07 14.62 -5.84
CA ASP F 89 19.88 16.00 -6.27
C ASP F 89 20.97 16.95 -5.82
N LYS F 90 21.99 16.48 -5.10
CA LYS F 90 23.12 17.31 -4.74
C LYS F 90 24.18 17.41 -5.84
N GLY F 91 23.99 16.74 -6.97
CA GLY F 91 24.94 16.76 -8.06
C GLY F 91 24.33 17.20 -9.37
N HIS F 92 25.12 17.11 -10.45
CA HIS F 92 24.71 17.58 -11.76
C HIS F 92 23.34 17.05 -12.17
N LEU F 93 22.45 17.96 -12.60
CA LEU F 93 21.16 17.55 -13.15
C LEU F 93 21.32 16.71 -14.41
N GLY F 94 22.41 16.88 -15.13
CA GLY F 94 22.65 16.12 -16.34
C GLY F 94 23.06 14.69 -16.14
N ASP F 95 23.19 14.24 -14.89
CA ASP F 95 23.71 12.90 -14.63
C ASP F 95 22.61 11.87 -14.88
N LEU F 96 22.81 11.00 -15.87
CA LEU F 96 21.87 9.96 -16.25
C LEU F 96 22.38 8.60 -15.79
N PRO F 97 21.52 7.58 -15.75
CA PRO F 97 22.00 6.24 -15.41
C PRO F 97 23.02 5.78 -16.44
N GLY F 98 23.94 4.91 -16.00
CA GLY F 98 24.89 4.33 -16.94
C GLY F 98 24.19 3.62 -18.09
N LEU F 99 24.72 3.83 -19.29
CA LEU F 99 24.20 3.17 -20.49
C LEU F 99 24.73 1.75 -20.55
N VAL F 100 23.81 0.80 -20.68
CA VAL F 100 24.12 -0.62 -20.65
C VAL F 100 24.22 -1.11 -22.09
N VAL F 101 25.39 -1.69 -22.42
CA VAL F 101 25.69 -2.21 -23.75
C VAL F 101 25.80 -3.73 -23.67
N ASN F 102 25.07 -4.41 -24.54
CA ASN F 102 25.04 -5.86 -24.61
C ASN F 102 26.32 -6.40 -25.23
N ALA F 103 26.51 -7.71 -25.09
CA ALA F 103 27.72 -8.36 -25.60
C ALA F 103 27.90 -8.16 -27.11
N ASP F 104 26.80 -8.01 -27.84
CA ASP F 104 26.90 -7.78 -29.28
C ASP F 104 27.15 -6.32 -29.64
N GLY F 105 27.48 -5.47 -28.66
CA GLY F 105 27.77 -4.07 -28.93
C GLY F 105 26.57 -3.16 -29.14
N THR F 106 25.35 -3.68 -29.03
CA THR F 106 24.16 -2.85 -29.12
C THR F 106 23.78 -2.34 -27.74
N ALA F 107 23.06 -1.23 -27.72
CA ALA F 107 22.43 -0.73 -26.50
C ALA F 107 20.93 -0.63 -26.73
N THR F 108 20.16 -1.32 -25.87
CA THR F 108 18.70 -1.37 -25.92
C THR F 108 18.03 -1.21 -24.55
N TYR F 109 18.73 -1.45 -23.46
CA TYR F 109 18.14 -1.41 -22.12
C TYR F 109 17.68 0.01 -21.78
N PRO F 110 16.42 0.21 -21.41
CA PRO F 110 15.94 1.58 -21.14
C PRO F 110 16.43 2.14 -19.81
N LEU F 111 16.58 3.46 -19.79
CA LEU F 111 17.21 4.18 -18.69
C LEU F 111 16.31 5.30 -18.20
N LEU F 112 15.88 5.21 -16.95
CA LEU F 112 15.00 6.19 -16.34
C LEU F 112 15.83 7.19 -15.52
N ALA F 113 15.72 8.46 -15.88
CA ALA F 113 16.36 9.58 -15.18
C ALA F 113 15.29 10.33 -14.41
N PRO F 114 15.03 10.00 -13.14
CA PRO F 114 13.84 10.57 -12.48
C PRO F 114 13.93 12.05 -12.13
N ARG F 115 15.12 12.65 -12.15
CA ARG F 115 15.24 14.05 -11.77
C ARG F 115 14.77 14.97 -12.90
N LEU F 116 14.73 14.44 -14.11
CA LEU F 116 14.28 15.14 -15.30
C LEU F 116 12.84 14.77 -15.54
N LYS F 117 11.97 15.78 -15.69
CA LYS F 117 10.54 15.56 -15.83
C LYS F 117 9.96 15.98 -17.17
N SER F 118 10.61 16.90 -17.87
CA SER F 118 10.08 17.41 -19.12
C SER F 118 11.15 17.43 -20.20
N LEU F 119 10.75 17.02 -21.41
CA LEU F 119 11.63 17.09 -22.56
C LEU F 119 12.19 18.50 -22.73
N SER F 120 11.45 19.51 -22.25
CA SER F 120 11.87 20.91 -22.36
C SER F 120 13.23 21.13 -21.71
N GLU F 121 13.56 20.33 -20.69
CA GLU F 121 14.78 20.52 -19.94
C GLU F 121 16.01 20.11 -20.74
N LEU F 122 15.81 19.38 -21.83
CA LEU F 122 16.92 18.96 -22.66
C LEU F 122 17.20 19.91 -23.81
N LYS F 123 16.29 20.83 -24.12
CA LYS F 123 16.45 21.66 -25.29
C LYS F 123 17.64 22.59 -25.10
N GLY F 124 18.48 22.70 -26.13
CA GLY F 124 19.66 23.53 -26.08
C GLY F 124 20.85 22.86 -25.45
N HIS F 125 20.83 21.55 -25.28
CA HIS F 125 21.90 20.79 -24.64
C HIS F 125 22.31 19.64 -25.55
N SER F 126 23.14 18.74 -25.03
CA SER F 126 23.65 17.62 -25.79
C SER F 126 23.66 16.38 -24.91
N LEU F 127 23.66 15.23 -25.57
CA LEU F 127 23.78 13.92 -24.94
C LEU F 127 25.13 13.33 -25.26
N MET F 128 25.75 12.72 -24.27
CA MET F 128 27.10 12.22 -24.37
C MET F 128 27.16 10.80 -23.84
N ILE F 129 27.87 9.94 -24.57
CA ILE F 129 28.25 8.61 -24.13
C ILE F 129 29.76 8.58 -24.02
N HIS F 130 30.25 8.13 -22.88
CA HIS F 130 31.67 8.14 -22.60
C HIS F 130 32.27 6.75 -22.81
N LYS F 131 33.61 6.73 -22.85
CA LYS F 131 34.32 5.48 -23.06
C LYS F 131 34.29 4.64 -21.79
N GLY F 132 34.48 5.29 -20.62
CA GLY F 132 34.45 4.62 -19.34
C GLY F 132 33.05 4.49 -18.79
N GLY F 133 32.97 3.97 -17.57
CA GLY F 133 31.70 3.74 -16.89
C GLY F 133 31.27 4.93 -16.08
N ASP F 134 30.45 4.65 -15.03
CA ASP F 134 29.99 5.71 -14.14
C ASP F 134 29.64 5.10 -12.79
N ASN F 135 30.44 5.40 -11.78
CA ASN F 135 30.12 4.99 -10.42
C ASN F 135 29.37 6.07 -9.62
N TYR F 136 28.87 7.12 -10.29
CA TYR F 136 28.03 8.15 -9.67
C TYR F 136 28.76 8.91 -8.56
N SER F 137 30.07 9.12 -8.77
CA SER F 137 30.90 9.79 -7.77
C SER F 137 32.07 10.48 -8.47
N ASP F 138 32.69 11.43 -7.75
CA ASP F 138 33.98 11.98 -8.17
C ASP F 138 35.18 11.24 -7.55
N LYS F 139 34.95 10.12 -6.86
CA LYS F 139 35.99 9.26 -6.30
C LYS F 139 35.74 7.83 -6.78
N PRO F 140 36.77 7.11 -7.26
CA PRO F 140 38.16 7.54 -7.30
C PRO F 140 38.52 8.46 -8.48
N ALA F 141 37.63 8.55 -9.46
CA ALA F 141 37.91 9.28 -10.68
C ALA F 141 36.89 10.40 -10.88
N PRO F 142 37.32 11.59 -11.28
CA PRO F 142 36.35 12.67 -11.53
C PRO F 142 35.27 12.20 -12.48
N LEU F 143 34.07 12.76 -12.29
CA LEU F 143 32.96 12.60 -13.23
C LEU F 143 32.61 11.14 -13.44
N GLY F 144 32.78 10.32 -12.41
CA GLY F 144 32.32 8.96 -12.43
C GLY F 144 33.22 7.98 -13.11
N GLY F 145 34.36 8.43 -13.60
CA GLY F 145 35.22 7.57 -14.36
C GLY F 145 34.91 7.47 -15.83
N GLY F 146 34.07 8.38 -16.36
CA GLY F 146 33.65 8.26 -17.75
C GLY F 146 34.76 8.56 -18.73
N GLY F 147 35.63 9.50 -18.37
CA GLY F 147 36.77 9.77 -19.22
C GLY F 147 36.35 10.42 -20.53
N ALA F 148 37.00 9.99 -21.60
CA ALA F 148 36.84 10.67 -22.88
C ALA F 148 35.46 10.40 -23.46
N ARG F 149 35.13 11.20 -24.47
CA ARG F 149 33.80 11.19 -25.06
C ARG F 149 33.79 10.28 -26.28
N PHE F 150 32.92 9.27 -26.26
CA PHE F 150 32.82 8.29 -27.34
C PHE F 150 31.81 8.70 -28.41
N ALA F 151 30.62 9.14 -28.01
CA ALA F 151 29.60 9.53 -28.96
C ALA F 151 28.82 10.69 -28.38
N CYS F 152 28.23 11.49 -29.27
CA CYS F 152 27.56 12.73 -28.87
C CYS F 152 26.42 13.03 -29.82
N GLY F 153 25.38 13.63 -29.28
CA GLY F 153 24.26 14.13 -30.07
C GLY F 153 23.70 15.44 -29.56
N VAL F 154 23.40 16.37 -30.48
CA VAL F 154 22.82 17.64 -30.09
C VAL F 154 21.30 17.53 -30.05
N ILE F 155 20.72 18.15 -29.03
CA ILE F 155 19.28 18.33 -28.91
C ILE F 155 18.94 19.77 -29.28
N GLU F 156 18.10 19.95 -30.29
CA GLU F 156 17.76 21.28 -30.79
C GLU F 156 19.00 21.96 -31.36
CU CU G . -1.19 -32.37 11.73
ZN ZN H . 1.04 -26.27 12.73
ZN ZN I . -13.62 9.88 -0.13
CU CU J . -8.29 7.04 2.45
S SO4 K . -17.25 1.59 5.71
O1 SO4 K . -17.94 1.30 4.46
O2 SO4 K . -16.73 2.95 5.66
O3 SO4 K . -18.21 1.45 6.80
O4 SO4 K . -16.18 0.61 5.93
ZN ZN L . 5.48 -9.30 -13.88
CU CU M . 10.16 -13.39 -11.23
S SO4 N . 8.00 -18.27 -13.92
O1 SO4 N . 8.28 -17.53 -15.15
O2 SO4 N . 7.48 -17.32 -12.93
O3 SO4 N . 7.05 -19.33 -14.21
O4 SO4 N . 9.25 -18.88 -13.41
S SO4 O . 0.04 -15.18 -6.31
O1 SO4 O . -0.93 -15.16 -7.41
O2 SO4 O . 0.99 -14.09 -6.51
O3 SO4 O . -0.65 -15.07 -5.02
O4 SO4 O . 0.76 -16.46 -6.37
ZN ZN P . 0.82 38.73 5.47
CU CU Q . 3.68 38.35 -0.82
S SO4 R . 8.49 41.19 0.70
O1 SO4 R . 9.18 41.05 -0.58
O2 SO4 R . 8.94 42.42 1.35
O3 SO4 R . 8.82 40.04 1.53
O4 SO4 R . 7.03 41.24 0.51
CU CU S . -30.32 -15.60 17.05
ZN ZN T . -29.80 -14.66 10.37
ZN ZN U . 27.90 14.63 -13.58
CU CU V . 29.43 13.19 -19.81
#